data_7E2H
#
_entry.id   7E2H
#
_cell.length_a   1.00
_cell.length_b   1.00
_cell.length_c   1.00
_cell.angle_alpha   90.00
_cell.angle_beta   90.00
_cell.angle_gamma   90.00
#
_symmetry.space_group_name_H-M   'P 1'
#
loop_
_entity.id
_entity.type
_entity.pdbx_description
1 polymer 'Protein dispatched homolog 1'
2 polymer 'Protein dispatched homolog 1'
3 non-polymer 'CHOLESTEROL HEMISUCCINATE'
4 non-polymer 2-acetamido-2-deoxy-beta-D-glucopyranose
#
loop_
_entity_poly.entity_id
_entity_poly.type
_entity_poly.pdbx_seq_one_letter_code
_entity_poly.pdbx_strand_id
1 'polypeptide(L)'
;MAMSNGNNDFVVLSNSSIATSAANPSPLTPCDGDHAAQQLTPKEATRTKVSPNGCLQLNGTVKSSFLPLDNQRMPQMLPQ
CCHPCPYHHPLTSHSSHQECHPEAGPAAPSALASCCMQPHSEYSASLCPNHSPVYQTTCCLQPSPSFCLHHPWPDHFQHQ
PVQQHIANIRPSRPFKLPKSYAALIADWPVVVLGMCTMFIVVCALVGVLVPELPDFSDPLLGFEPRGTAIGQRLVTWNNM
VKNTGYKATLANYPFKYADEQASSLEVLFQ
;
D
2 'polypeptide(L)'
;GPGSEVDWNFHKDSFFCDVPSDRYSRVVFTSSGGETLWNLPAIKSMCNVDNSRIRSHPQFGDLCQRTTAASCCPSWTLGN
YIAILNNRSSCQKIVERDVSHTLKLLRTCAKHYQNGTLGPDCWDMAARRKDQLKCTNVPRKCTKYNAVYQILHYLVDKDF
MTPKTADYATPALKYSMLFSPTEKGESMMNIYLDNFENWNSSDGVTTITGIEFGIKHSLFQDYLLMDTVYPAIAIVIVLL
VMCVYTKSMFITLMTMFAIISSLIVSYFLYRVVFHFEFFPFMNLTALIILVGIGANNAFVLCDVWNYTKFDKPHAETSET
VSITLQHAALSMFVTSFTTAAAFYANYVSNITAIRCFGVYAGTAILVNYVLMVTWLPAVVVLHERYLLNIFTCFKKPQQQ
IYDNKSCWTVACQKCHKVLFAISEASRIFFEKVLPCIVIKFRYLWLFWFLALTVGGAYIVCINPKMKLPSLELSEFQVFR
SSHPFERYDAEYKKLFMFERVHHGEELHMPITVIWGVSPEDNGNPLNPKSKGKLTLDSSFNIASPASQAWILHFCQKLRN
QTFFYQTDEQDFTSCFIETFKQWMENQDCDEPALYPCCSHWSFPYKQEIFELCIKRAIMELERSTGYHLDSKTPGPRFDI
NDTIRAVVLEFQSTYLFTLAYEKMHQFYKEVDSWISSELSSAPEGLSNGWFVSNLEFYDLQDSLSDGTLIAMGLSVAVAF
SVMLLTTWNIIISLYAIISIAGTIFVTVGSLVLLGWELNVLESVTISVAVGLSVNFAVHYGVAYRLAPDPDREGKVIFSL
SRVGSAMAMAALTTFVAGAMMMPSTVLAYTQLGTFMMLIMCISWAFATFFFQCMCRCLGPQGTCGQIPLPKKLQCSAFSH
ALSTSPSDKGQSKTHTINAYHLDPRGPKSELEHEFYELEPLASHSCTAPEKTTYEETHICSEFFNSQAKNLGMPVHAAYN
SELSKSTESDAGSALLQPPLEQHTVCHFFSLNQRCSCPDAYKHLNYGPHSCQQMGDCLCHQCSPTTSSFVQIQNGVAPLK
ATHQAVEGFVHPITHIHHCPCLQGRVKPAGMQNSLPRNFFLHPVQHIQAQEKIGKTNVHSLQRSIEEHLPKMAEPSSFVC
RSTGSLLKTCCDPENKQRELCKNRDVSNLESSGGTENKAGGKVELSLSQTDASVNSEHFNQNEPKVLFNHLMGEAGCRSC
PNNSQSCGRIVRVKCNSVDCQMPNMEANVPAVLTHSELSGESLLIKTL
;
E
#
loop_
_chem_comp.id
_chem_comp.type
_chem_comp.name
_chem_comp.formula
NAG D-saccharide, beta linking 2-acetamido-2-deoxy-beta-D-glucopyranose 'C8 H15 N O6'
Y01 non-polymer 'CHOLESTEROL HEMISUCCINATE' 'C31 H50 O4'
#
# COMPACT_ATOMS: atom_id res chain seq x y z
N TYR A 181 -33.07 27.93 17.91
CA TYR A 181 -34.13 27.17 17.24
C TYR A 181 -34.72 26.13 18.18
N ALA A 182 -34.52 26.34 19.48
CA ALA A 182 -35.04 25.39 20.47
C ALA A 182 -36.54 25.21 20.33
N ALA A 183 -37.27 26.31 20.10
CA ALA A 183 -38.72 26.22 19.92
C ALA A 183 -39.06 25.49 18.63
N LEU A 184 -38.19 25.55 17.63
CA LEU A 184 -38.52 24.97 16.33
C LEU A 184 -38.57 23.45 16.39
N ILE A 185 -37.66 22.84 17.15
CA ILE A 185 -37.61 21.38 17.26
C ILE A 185 -38.47 20.96 18.44
N ALA A 186 -39.28 21.89 18.95
CA ALA A 186 -40.19 21.62 20.05
C ALA A 186 -41.61 21.35 19.58
N ASP A 187 -42.17 22.23 18.75
CA ASP A 187 -43.52 22.08 18.26
C ASP A 187 -43.59 21.61 16.81
N TRP A 188 -42.46 21.48 16.13
CA TRP A 188 -42.43 21.08 14.72
C TRP A 188 -41.30 20.09 14.50
N PRO A 189 -41.45 18.85 14.95
CA PRO A 189 -40.42 17.84 14.69
C PRO A 189 -40.52 17.24 13.30
N VAL A 190 -41.73 17.10 12.78
CA VAL A 190 -41.94 16.35 11.55
C VAL A 190 -41.41 17.12 10.35
N VAL A 191 -41.55 18.45 10.35
CA VAL A 191 -41.03 19.23 9.23
C VAL A 191 -39.50 19.17 9.21
N VAL A 192 -38.88 19.20 10.39
CA VAL A 192 -37.42 19.17 10.43
C VAL A 192 -36.90 17.77 10.13
N LEU A 193 -37.71 16.75 10.37
CA LEU A 193 -37.31 15.39 10.02
C LEU A 193 -37.61 15.06 8.58
N GLY A 194 -38.48 15.83 7.92
CA GLY A 194 -38.77 15.61 6.52
C GLY A 194 -37.90 16.41 5.56
N MET A 195 -37.56 17.64 5.93
CA MET A 195 -36.64 18.41 5.11
C MET A 195 -35.29 17.71 5.00
N CYS A 196 -34.84 17.09 6.10
CA CYS A 196 -33.59 16.35 6.10
C CYS A 196 -33.62 15.22 5.09
N THR A 197 -34.69 14.43 5.09
CA THR A 197 -34.74 13.29 4.16
C THR A 197 -34.95 13.75 2.74
N MET A 198 -35.63 14.88 2.52
CA MET A 198 -35.69 15.46 1.19
C MET A 198 -34.29 15.77 0.67
N PHE A 199 -33.51 16.50 1.46
CA PHE A 199 -32.15 16.82 1.08
C PHE A 199 -31.33 15.57 0.83
N ILE A 200 -31.45 14.58 1.73
CA ILE A 200 -30.68 13.36 1.62
C ILE A 200 -31.02 12.60 0.34
N VAL A 201 -32.31 12.52 0.00
CA VAL A 201 -32.70 11.72 -1.16
C VAL A 201 -32.33 12.42 -2.45
N VAL A 202 -32.46 13.75 -2.50
CA VAL A 202 -32.02 14.43 -3.71
C VAL A 202 -30.50 14.31 -3.86
N CYS A 203 -29.77 14.31 -2.74
CA CYS A 203 -28.32 14.13 -2.80
C CYS A 203 -27.97 12.76 -3.34
N ALA A 204 -28.62 11.72 -2.81
CA ALA A 204 -28.35 10.36 -3.28
C ALA A 204 -28.66 10.22 -4.76
N LEU A 205 -29.79 10.79 -5.21
CA LEU A 205 -30.17 10.63 -6.61
C LEU A 205 -29.18 11.34 -7.53
N VAL A 206 -28.80 12.57 -7.20
CA VAL A 206 -27.81 13.27 -8.02
C VAL A 206 -26.49 12.51 -8.03
N GLY A 207 -26.06 12.00 -6.86
CA GLY A 207 -24.79 11.32 -6.78
C GLY A 207 -24.76 9.99 -7.51
N VAL A 208 -25.90 9.33 -7.63
CA VAL A 208 -25.94 8.08 -8.38
C VAL A 208 -26.18 8.30 -9.87
N LEU A 209 -26.76 9.44 -10.24
CA LEU A 209 -27.03 9.70 -11.66
C LEU A 209 -25.86 10.38 -12.37
N VAL A 210 -25.45 11.55 -11.88
CA VAL A 210 -24.55 12.42 -12.64
C VAL A 210 -23.15 11.81 -12.78
N PRO A 211 -22.39 11.58 -11.71
CA PRO A 211 -20.98 11.25 -11.88
C PRO A 211 -20.74 9.80 -12.26
N GLU A 212 -19.68 9.59 -13.04
CA GLU A 212 -19.31 8.25 -13.47
C GLU A 212 -18.91 7.39 -12.28
N LEU A 213 -19.41 6.16 -12.26
CA LEU A 213 -19.16 5.26 -11.15
C LEU A 213 -17.68 4.86 -11.12
N PRO A 214 -17.14 4.59 -9.93
CA PRO A 214 -15.74 4.18 -9.83
C PRO A 214 -15.52 2.77 -10.38
N ASP A 215 -14.25 2.47 -10.64
CA ASP A 215 -13.88 1.23 -11.33
C ASP A 215 -13.57 0.10 -10.36
N PHE A 216 -12.60 0.30 -9.47
CA PHE A 216 -12.14 -0.73 -8.53
C PHE A 216 -11.60 -1.95 -9.28
N SER A 217 -10.57 -1.69 -10.08
CA SER A 217 -9.88 -2.76 -10.79
C SER A 217 -8.40 -2.84 -10.45
N ASP A 218 -7.72 -1.71 -10.33
CA ASP A 218 -6.31 -1.68 -10.01
C ASP A 218 -6.15 -1.19 -8.57
N PRO A 219 -5.63 -2.02 -7.66
CA PRO A 219 -5.59 -1.62 -6.25
C PRO A 219 -4.52 -0.58 -5.93
N LEU A 220 -3.64 -0.25 -6.86
CA LEU A 220 -2.56 0.71 -6.63
C LEU A 220 -2.57 1.82 -7.68
N LEU A 221 -3.75 2.36 -7.96
CA LEU A 221 -3.88 3.42 -8.93
C LEU A 221 -3.40 4.77 -8.41
N GLY A 222 -3.17 4.90 -7.11
CA GLY A 222 -2.87 6.20 -6.54
C GLY A 222 -1.46 6.38 -6.03
N PHE A 223 -0.78 5.29 -5.69
CA PHE A 223 0.47 5.36 -4.95
C PHE A 223 1.58 5.82 -5.88
N GLU A 224 1.63 7.14 -6.10
CA GLU A 224 2.72 7.77 -6.81
C GLU A 224 2.80 9.25 -6.42
N PRO A 225 3.87 9.68 -5.76
CA PRO A 225 3.98 11.07 -5.36
C PRO A 225 3.86 12.01 -6.55
N ARG A 226 3.44 13.24 -6.28
CA ARG A 226 3.22 14.23 -7.33
C ARG A 226 3.78 15.56 -6.85
N GLY A 227 4.71 16.13 -7.63
CA GLY A 227 5.27 17.43 -7.31
C GLY A 227 6.11 17.44 -6.05
N THR A 228 7.25 16.75 -6.08
CA THR A 228 8.14 16.68 -4.94
C THR A 228 9.60 16.90 -5.35
N ALA A 229 9.82 17.61 -6.45
CA ALA A 229 11.13 17.96 -7.00
C ALA A 229 11.88 16.75 -7.53
N ILE A 230 11.34 15.54 -7.35
CA ILE A 230 11.89 14.33 -7.95
C ILE A 230 10.81 13.47 -8.59
N GLY A 231 9.55 13.87 -8.47
CA GLY A 231 8.47 13.20 -9.18
C GLY A 231 8.11 13.98 -10.43
N GLN A 232 8.30 15.30 -10.36
CA GLN A 232 8.12 16.13 -11.55
C GLN A 232 9.09 15.72 -12.65
N ARG A 233 10.34 15.47 -12.29
CA ARG A 233 11.32 15.10 -13.30
C ARG A 233 11.03 13.72 -13.86
N LEU A 234 10.59 12.78 -13.02
CA LEU A 234 10.21 11.46 -13.52
C LEU A 234 9.03 11.56 -14.48
N VAL A 235 8.01 12.33 -14.12
CA VAL A 235 6.87 12.50 -15.00
C VAL A 235 7.29 13.11 -16.33
N THR A 236 8.15 14.12 -16.28
CA THR A 236 8.58 14.76 -17.53
C THR A 236 9.42 13.82 -18.38
N TRP A 237 10.31 13.05 -17.75
CA TRP A 237 11.15 12.13 -18.50
C TRP A 237 10.34 10.97 -19.06
N ASN A 238 9.20 10.65 -18.44
CA ASN A 238 8.35 9.61 -19.01
C ASN A 238 7.49 10.17 -20.14
N ASN A 239 7.03 11.42 -20.02
CA ASN A 239 6.33 12.06 -21.12
C ASN A 239 7.26 12.25 -22.31
N MET A 240 8.55 12.41 -22.07
CA MET A 240 9.51 12.55 -23.17
C MET A 240 9.60 11.27 -23.99
N VAL A 241 9.32 10.12 -23.37
CA VAL A 241 9.45 8.85 -24.08
C VAL A 241 8.18 8.53 -24.85
N LYS A 242 7.01 8.79 -24.27
CA LYS A 242 5.75 8.51 -24.96
C LYS A 242 5.61 9.32 -26.24
N ASN A 243 6.23 10.50 -26.29
CA ASN A 243 6.24 11.30 -27.51
C ASN A 243 7.52 11.02 -28.30
N THR A 244 7.59 9.81 -28.83
CA THR A 244 8.76 9.38 -29.59
C THR A 244 8.62 9.76 -31.06
N GLY A 245 9.52 9.22 -31.88
CA GLY A 245 9.56 9.62 -33.28
C GLY A 245 8.52 8.87 -34.10
N TYR A 246 7.93 9.58 -35.06
CA TYR A 246 7.00 9.01 -36.02
C TYR A 246 7.53 9.23 -37.43
N LYS A 247 7.03 8.42 -38.36
CA LYS A 247 7.53 8.45 -39.74
C LYS A 247 7.39 9.84 -40.35
N ALA A 248 6.45 10.63 -39.86
CA ALA A 248 6.26 11.99 -40.35
C ALA A 248 5.45 12.79 -39.35
N THR A 249 5.95 13.99 -39.04
CA THR A 249 5.27 14.94 -38.16
C THR A 249 4.82 14.28 -36.86
N LEU A 250 5.80 13.81 -36.09
CA LEU A 250 5.50 13.08 -34.85
C LEU A 250 4.81 13.97 -33.82
N ALA A 251 4.86 15.29 -34.03
CA ALA A 251 4.39 16.26 -33.03
C ALA A 251 5.10 16.01 -31.70
N ASN A 252 6.37 15.63 -31.79
CA ASN A 252 7.08 15.01 -30.68
C ASN A 252 8.57 15.22 -30.84
N TYR A 253 9.37 14.44 -30.12
CA TYR A 253 10.82 14.53 -30.22
C TYR A 253 11.37 13.33 -30.97
N PRO A 254 11.53 13.42 -32.29
CA PRO A 254 12.13 12.31 -33.03
C PRO A 254 13.64 12.45 -33.20
N PHE A 255 14.23 11.47 -33.85
CA PHE A 255 15.59 11.53 -34.34
C PHE A 255 15.59 12.15 -35.74
N LYS A 256 16.67 11.93 -36.48
CA LYS A 256 16.97 12.49 -37.81
C LYS A 256 15.81 12.58 -38.79
N TYR A 257 14.78 11.76 -38.62
CA TYR A 257 13.78 11.39 -39.64
C TYR A 257 13.44 12.47 -40.67
N ALA A 258 13.16 13.70 -40.22
CA ALA A 258 12.56 14.70 -41.10
C ALA A 258 13.44 15.06 -42.29
N ASP A 259 14.68 14.60 -42.34
CA ASP A 259 15.57 14.91 -43.46
C ASP A 259 15.93 13.68 -44.28
N GLU A 260 15.09 12.66 -44.29
CA GLU A 260 15.35 11.47 -45.10
C GLU A 260 14.85 11.60 -46.54
N GLN A 261 14.45 12.81 -46.96
CA GLN A 261 13.86 12.98 -48.29
C GLN A 261 14.88 12.85 -49.42
N ALA A 262 16.17 12.79 -49.09
CA ALA A 262 17.20 12.66 -50.12
C ALA A 262 17.09 11.33 -50.86
N SER A 263 16.43 10.34 -50.24
CA SER A 263 16.26 9.04 -50.86
C SER A 263 14.80 8.82 -51.25
N GLY B 3 -14.38 -31.64 -23.57
CA GLY B 3 -13.60 -32.65 -24.28
C GLY B 3 -12.12 -32.61 -23.92
N SER B 4 -11.33 -31.96 -24.77
CA SER B 4 -9.89 -31.81 -24.54
C SER B 4 -9.20 -33.16 -24.40
N GLU B 5 -9.62 -34.11 -25.22
CA GLU B 5 -9.15 -35.50 -25.14
C GLU B 5 -8.22 -35.79 -26.31
N VAL B 6 -6.92 -35.82 -26.03
CA VAL B 6 -5.91 -36.25 -26.99
C VAL B 6 -4.81 -36.99 -26.24
N ASP B 7 -3.84 -37.49 -26.99
CA ASP B 7 -2.68 -38.13 -26.38
C ASP B 7 -1.72 -37.07 -25.84
N TRP B 8 -0.74 -37.53 -25.06
CA TRP B 8 0.25 -36.63 -24.49
C TRP B 8 1.57 -36.73 -25.25
N ASN B 9 2.54 -35.93 -24.81
CA ASN B 9 3.79 -35.81 -25.56
C ASN B 9 4.64 -37.06 -25.47
N PHE B 10 4.59 -37.78 -24.35
CA PHE B 10 5.41 -38.97 -24.18
C PHE B 10 4.81 -40.12 -24.98
N HIS B 11 5.28 -40.28 -26.21
CA HIS B 11 4.87 -41.36 -27.10
C HIS B 11 6.06 -42.25 -27.47
N LYS B 12 6.85 -42.62 -26.45
CA LYS B 12 8.12 -43.31 -26.66
C LYS B 12 9.05 -42.47 -27.53
N ASP B 13 8.97 -41.15 -27.34
CA ASP B 13 9.82 -40.20 -28.04
C ASP B 13 10.62 -39.42 -27.00
N SER B 14 11.94 -39.49 -27.10
CA SER B 14 12.83 -38.78 -26.18
C SER B 14 12.98 -37.34 -26.65
N PHE B 15 11.85 -36.64 -26.69
CA PHE B 15 11.82 -35.23 -27.06
C PHE B 15 11.33 -34.45 -25.85
N PHE B 16 11.21 -33.14 -26.04
CA PHE B 16 10.84 -32.25 -24.95
C PHE B 16 10.53 -30.89 -25.56
N CYS B 17 9.46 -30.25 -25.08
CA CYS B 17 8.94 -29.08 -25.77
C CYS B 17 9.91 -27.90 -25.78
N ASP B 18 10.19 -27.34 -24.60
CA ASP B 18 10.95 -26.09 -24.47
C ASP B 18 11.81 -26.18 -23.22
N VAL B 19 12.33 -25.04 -22.79
CA VAL B 19 13.08 -24.93 -21.54
C VAL B 19 12.17 -24.26 -20.50
N PRO B 20 12.11 -24.77 -19.27
CA PRO B 20 11.25 -24.14 -18.26
C PRO B 20 11.68 -22.72 -17.94
N SER B 21 10.87 -21.76 -18.33
CA SER B 21 11.16 -20.35 -18.14
C SER B 21 10.34 -19.79 -16.98
N ASP B 22 10.58 -18.52 -16.67
CA ASP B 22 9.83 -17.84 -15.63
C ASP B 22 8.44 -17.43 -16.08
N ARG B 23 8.20 -17.39 -17.39
CA ARG B 23 6.93 -16.88 -17.90
C ARG B 23 5.76 -17.81 -17.62
N TYR B 24 6.01 -19.08 -17.35
CA TYR B 24 4.94 -20.07 -17.23
C TYR B 24 4.30 -19.98 -15.84
N SER B 25 3.46 -20.95 -15.51
CA SER B 25 2.72 -20.96 -14.26
C SER B 25 3.31 -21.97 -13.30
N ARG B 26 3.35 -21.61 -12.02
CA ARG B 26 4.04 -22.40 -11.01
C ARG B 26 3.10 -22.77 -9.87
N VAL B 27 3.27 -24.01 -9.38
CA VAL B 27 2.62 -24.48 -8.16
C VAL B 27 3.72 -25.02 -7.25
N VAL B 28 3.52 -24.90 -5.94
CA VAL B 28 4.52 -25.30 -4.96
C VAL B 28 3.91 -26.34 -4.04
N PHE B 29 4.60 -27.46 -3.88
CA PHE B 29 4.10 -28.59 -3.11
C PHE B 29 4.95 -28.80 -1.86
N THR B 30 4.27 -28.96 -0.72
CA THR B 30 4.84 -29.56 0.47
C THR B 30 4.01 -30.78 0.83
N SER B 31 4.67 -31.82 1.32
CA SER B 31 3.99 -33.11 1.42
C SER B 31 3.11 -33.20 2.66
N SER B 32 3.74 -33.22 3.83
CA SER B 32 3.06 -33.36 5.11
C SER B 32 4.10 -33.19 6.20
N GLY B 33 3.70 -33.43 7.45
CA GLY B 33 4.65 -33.53 8.54
C GLY B 33 5.73 -34.58 8.34
N GLY B 34 5.54 -35.50 7.39
CA GLY B 34 6.56 -36.48 7.07
C GLY B 34 7.88 -35.88 6.65
N GLU B 35 7.86 -34.66 6.08
CA GLU B 35 9.07 -33.90 5.78
C GLU B 35 9.96 -34.62 4.78
N THR B 36 9.36 -35.28 3.79
CA THR B 36 10.13 -35.91 2.73
C THR B 36 9.23 -36.12 1.52
N LEU B 37 9.84 -36.04 0.34
CA LEU B 37 9.12 -36.22 -0.91
C LEU B 37 9.64 -37.37 -1.76
N TRP B 38 10.84 -37.88 -1.50
CA TRP B 38 11.43 -38.93 -2.32
C TRP B 38 10.75 -40.26 -2.02
N ASN B 39 9.57 -40.43 -2.59
CA ASN B 39 8.81 -41.67 -2.45
C ASN B 39 7.73 -41.70 -3.53
N LEU B 40 7.51 -42.88 -4.09
CA LEU B 40 6.54 -43.03 -5.17
C LEU B 40 5.16 -42.47 -4.85
N PRO B 41 4.58 -42.68 -3.66
CA PRO B 41 3.29 -42.02 -3.38
C PRO B 41 3.33 -40.52 -3.59
N ALA B 42 4.35 -39.84 -3.07
CA ALA B 42 4.40 -38.39 -3.17
C ALA B 42 4.46 -37.94 -4.62
N ILE B 43 5.40 -38.47 -5.40
CA ILE B 43 5.57 -38.02 -6.78
C ILE B 43 4.36 -38.38 -7.62
N LYS B 44 3.84 -39.61 -7.45
CA LYS B 44 2.70 -40.03 -8.25
C LYS B 44 1.45 -39.21 -7.92
N SER B 45 1.21 -38.96 -6.63
CA SER B 45 0.06 -38.15 -6.24
C SER B 45 0.22 -36.71 -6.71
N MET B 46 1.44 -36.18 -6.69
CA MET B 46 1.67 -34.83 -7.19
C MET B 46 1.36 -34.74 -8.67
N CYS B 47 1.91 -35.66 -9.47
CA CYS B 47 1.61 -35.64 -10.90
C CYS B 47 0.13 -35.90 -11.17
N ASN B 48 -0.52 -36.68 -10.31
CA ASN B 48 -1.94 -37.00 -10.53
C ASN B 48 -2.82 -35.81 -10.23
N VAL B 49 -2.58 -35.13 -9.11
CA VAL B 49 -3.35 -33.93 -8.81
C VAL B 49 -3.07 -32.86 -9.84
N ASP B 50 -1.86 -32.83 -10.40
CA ASP B 50 -1.58 -31.99 -11.55
C ASP B 50 -2.52 -32.33 -12.70
N ASN B 51 -2.40 -33.53 -13.25
CA ASN B 51 -3.17 -33.87 -14.44
C ASN B 51 -4.67 -34.00 -14.15
N SER B 52 -5.10 -33.83 -12.91
CA SER B 52 -6.51 -33.82 -12.57
C SER B 52 -7.08 -32.40 -12.46
N ARG B 53 -6.44 -31.53 -11.66
CA ARG B 53 -6.99 -30.21 -11.42
C ARG B 53 -6.65 -29.19 -12.52
N ILE B 54 -5.70 -29.50 -13.41
CA ILE B 54 -5.34 -28.58 -14.47
C ILE B 54 -5.44 -29.21 -15.86
N ARG B 55 -5.41 -30.54 -15.98
CA ARG B 55 -5.54 -31.20 -17.27
C ARG B 55 -6.94 -31.73 -17.51
N SER B 56 -7.95 -31.07 -16.94
CA SER B 56 -9.34 -31.43 -17.14
C SER B 56 -10.15 -30.31 -17.78
N HIS B 57 -10.00 -29.10 -17.29
CA HIS B 57 -10.71 -27.97 -17.87
C HIS B 57 -10.21 -27.69 -19.28
N PRO B 58 -11.09 -27.34 -20.22
CA PRO B 58 -10.65 -27.03 -21.58
C PRO B 58 -9.69 -25.84 -21.61
N GLN B 59 -8.47 -26.11 -22.04
CA GLN B 59 -7.42 -25.10 -22.13
C GLN B 59 -7.09 -24.84 -23.58
N PHE B 60 -7.53 -23.69 -24.10
CA PHE B 60 -7.24 -23.30 -25.47
C PHE B 60 -5.96 -22.48 -25.62
N GLY B 61 -5.39 -22.01 -24.51
CA GLY B 61 -4.11 -21.33 -24.56
C GLY B 61 -2.96 -22.28 -24.27
N ASP B 62 -2.29 -22.74 -25.32
CA ASP B 62 -1.18 -23.68 -25.17
C ASP B 62 -0.18 -23.45 -26.30
N LEU B 63 0.94 -24.15 -26.20
CA LEU B 63 2.01 -23.99 -27.19
C LEU B 63 1.62 -24.62 -28.52
N CYS B 64 1.10 -25.85 -28.49
CA CYS B 64 0.73 -26.59 -29.70
C CYS B 64 1.92 -26.76 -30.65
N GLN B 65 2.95 -27.44 -30.13
CA GLN B 65 4.13 -27.75 -30.93
C GLN B 65 4.03 -29.10 -31.62
N ARG B 66 3.12 -29.96 -31.18
CA ARG B 66 2.92 -31.28 -31.75
C ARG B 66 1.48 -31.41 -32.23
N THR B 67 1.12 -32.64 -32.64
CA THR B 67 -0.23 -32.89 -33.12
C THR B 67 -1.25 -32.94 -31.99
N THR B 68 -0.81 -33.15 -30.76
CA THR B 68 -1.71 -33.17 -29.61
C THR B 68 -2.25 -31.77 -29.35
N ALA B 69 -3.58 -31.62 -29.45
CA ALA B 69 -4.18 -30.31 -29.31
C ALA B 69 -4.29 -29.85 -27.87
N ALA B 70 -4.31 -30.77 -26.91
CA ALA B 70 -4.45 -30.44 -25.50
C ALA B 70 -3.21 -30.79 -24.68
N SER B 71 -2.05 -30.86 -25.33
CA SER B 71 -0.80 -31.13 -24.63
C SER B 71 0.36 -30.80 -25.56
N CYS B 72 1.23 -29.91 -25.10
CA CYS B 72 2.44 -29.54 -25.85
C CYS B 72 3.69 -30.02 -25.14
N CYS B 73 3.89 -29.59 -23.90
CA CYS B 73 4.84 -30.22 -22.99
C CYS B 73 4.07 -31.14 -22.05
N PRO B 74 4.68 -32.21 -21.57
CA PRO B 74 3.92 -33.13 -20.72
C PRO B 74 3.41 -32.47 -19.44
N SER B 75 4.32 -32.13 -18.52
CA SER B 75 3.96 -31.29 -17.38
C SER B 75 5.06 -30.34 -16.90
N TRP B 76 6.33 -30.63 -17.19
CA TRP B 76 7.48 -29.98 -16.55
C TRP B 76 7.46 -30.17 -15.04
N THR B 77 7.57 -31.43 -14.61
CA THR B 77 7.64 -31.74 -13.19
C THR B 77 8.79 -32.70 -12.92
N LEU B 78 8.97 -33.05 -11.66
CA LEU B 78 9.99 -34.01 -11.28
C LEU B 78 9.70 -35.38 -11.86
N GLY B 79 8.42 -35.79 -11.84
CA GLY B 79 8.06 -37.10 -12.36
C GLY B 79 8.40 -37.28 -13.83
N ASN B 80 8.16 -36.25 -14.65
CA ASN B 80 8.54 -36.34 -16.05
C ASN B 80 10.04 -36.54 -16.20
N TYR B 81 10.83 -35.77 -15.44
CA TYR B 81 12.28 -35.89 -15.52
C TYR B 81 12.79 -37.24 -15.00
N ILE B 82 12.02 -37.90 -14.14
CA ILE B 82 12.37 -39.27 -13.79
C ILE B 82 12.00 -40.21 -14.93
N ALA B 83 10.84 -39.99 -15.55
CA ALA B 83 10.39 -40.88 -16.62
C ALA B 83 11.31 -40.81 -17.84
N ILE B 84 11.92 -39.64 -18.09
CA ILE B 84 12.86 -39.55 -19.21
C ILE B 84 14.09 -40.40 -18.93
N LEU B 85 14.37 -40.70 -17.66
CA LEU B 85 15.37 -41.69 -17.34
C LEU B 85 14.73 -43.08 -17.35
N ASN B 86 15.50 -44.06 -17.82
CA ASN B 86 15.00 -45.42 -18.05
C ASN B 86 13.92 -45.44 -19.13
N ASN B 87 13.70 -44.29 -19.75
CA ASN B 87 12.78 -44.05 -20.86
C ASN B 87 11.51 -44.91 -20.74
N ARG B 88 10.81 -44.70 -19.63
CA ARG B 88 9.44 -45.17 -19.44
C ARG B 88 8.51 -44.03 -19.82
N SER B 89 7.69 -44.25 -20.85
CA SER B 89 6.96 -43.15 -21.46
C SER B 89 5.95 -42.53 -20.51
N SER B 90 5.01 -43.33 -19.99
CA SER B 90 3.96 -42.81 -19.13
C SER B 90 4.54 -42.52 -17.75
N CYS B 91 4.30 -41.30 -17.26
CA CYS B 91 4.76 -40.93 -15.92
C CYS B 91 4.16 -41.80 -14.84
N GLN B 92 3.02 -42.45 -15.12
CA GLN B 92 2.41 -43.35 -14.14
C GLN B 92 3.28 -44.58 -13.90
N LYS B 93 4.02 -45.02 -14.91
CA LYS B 93 4.84 -46.23 -14.82
C LYS B 93 6.22 -45.87 -14.29
N ILE B 94 6.39 -46.02 -12.98
CA ILE B 94 7.69 -45.89 -12.34
C ILE B 94 7.95 -47.18 -11.56
N VAL B 95 9.22 -47.57 -11.47
CA VAL B 95 9.60 -48.89 -10.97
C VAL B 95 10.29 -48.82 -9.61
N GLU B 96 10.37 -47.64 -9.01
CA GLU B 96 10.98 -47.39 -7.71
C GLU B 96 12.47 -47.71 -7.67
N ARG B 97 13.09 -48.02 -8.81
CA ARG B 97 14.53 -48.20 -8.89
C ARG B 97 15.21 -47.03 -9.58
N ASP B 98 14.57 -46.46 -10.61
CA ASP B 98 15.05 -45.21 -11.18
C ASP B 98 15.10 -44.10 -10.14
N VAL B 99 14.29 -44.19 -9.08
CA VAL B 99 14.41 -43.27 -7.96
C VAL B 99 15.81 -43.36 -7.37
N SER B 100 16.25 -44.56 -7.01
CA SER B 100 17.60 -44.73 -6.50
C SER B 100 18.63 -44.31 -7.53
N HIS B 101 18.37 -44.58 -8.80
CA HIS B 101 19.30 -44.17 -9.87
C HIS B 101 19.52 -42.67 -9.86
N THR B 102 18.43 -41.90 -9.89
CA THR B 102 18.57 -40.45 -9.92
C THR B 102 19.08 -39.90 -8.60
N LEU B 103 18.78 -40.56 -7.48
CA LEU B 103 19.40 -40.18 -6.21
C LEU B 103 20.92 -40.27 -6.30
N LYS B 104 21.43 -41.43 -6.71
CA LYS B 104 22.87 -41.60 -6.86
C LYS B 104 23.45 -40.62 -7.87
N LEU B 105 22.73 -40.36 -8.96
CA LEU B 105 23.25 -39.46 -9.99
C LEU B 105 23.34 -38.03 -9.46
N LEU B 106 22.29 -37.54 -8.81
CA LEU B 106 22.33 -36.20 -8.22
C LEU B 106 23.37 -36.11 -7.13
N ARG B 107 23.58 -37.19 -6.36
CA ARG B 107 24.63 -37.18 -5.36
C ARG B 107 26.00 -37.02 -6.00
N THR B 108 26.29 -37.83 -7.02
CA THR B 108 27.61 -37.79 -7.64
C THR B 108 27.84 -36.56 -8.50
N CYS B 109 26.77 -35.89 -8.95
CA CYS B 109 26.93 -34.75 -9.84
C CYS B 109 26.69 -33.39 -9.20
N ALA B 110 26.00 -33.35 -8.05
CA ALA B 110 25.67 -32.07 -7.42
C ALA B 110 26.91 -31.32 -6.95
N LYS B 111 28.02 -32.01 -6.75
CA LYS B 111 29.26 -31.33 -6.36
C LYS B 111 29.71 -30.36 -7.44
N HIS B 112 29.34 -30.61 -8.69
CA HIS B 112 29.67 -29.71 -9.80
C HIS B 112 28.57 -28.69 -10.04
N TYR B 113 28.17 -27.99 -8.98
CA TYR B 113 27.15 -26.96 -9.08
C TYR B 113 27.21 -26.03 -7.87
N ASP B 124 27.71 -28.06 -13.55
CA ASP B 124 27.64 -26.62 -13.80
C ASP B 124 27.69 -26.32 -15.30
N MET B 125 26.69 -26.82 -16.02
CA MET B 125 26.59 -26.63 -17.46
C MET B 125 25.27 -25.97 -17.80
N ALA B 126 25.30 -25.06 -18.78
CA ALA B 126 24.07 -24.35 -19.14
C ALA B 126 23.13 -25.25 -19.93
N ALA B 127 23.58 -25.73 -21.10
CA ALA B 127 22.72 -26.54 -21.94
C ALA B 127 23.56 -27.32 -22.95
N ARG B 128 22.94 -28.38 -23.49
CA ARG B 128 23.50 -29.18 -24.58
C ARG B 128 22.43 -29.27 -25.66
N ARG B 129 22.44 -28.31 -26.58
CA ARG B 129 21.33 -28.14 -27.51
C ARG B 129 21.28 -29.26 -28.54
N LYS B 130 22.43 -29.67 -29.06
CA LYS B 130 22.47 -30.72 -30.07
C LYS B 130 21.91 -32.02 -29.50
N ASP B 131 21.11 -32.71 -30.30
CA ASP B 131 20.49 -33.96 -29.87
C ASP B 131 21.55 -35.01 -29.57
N GLN B 132 21.56 -35.50 -28.33
CA GLN B 132 22.50 -36.54 -27.89
C GLN B 132 23.95 -36.10 -28.11
N LEU B 133 24.21 -34.80 -27.93
CA LEU B 133 25.54 -34.27 -28.13
C LEU B 133 25.73 -33.06 -27.22
N LYS B 134 26.97 -32.88 -26.77
CA LYS B 134 27.35 -31.76 -25.93
C LYS B 134 28.19 -30.78 -26.74
N CYS B 135 27.81 -29.51 -26.70
CA CYS B 135 28.51 -28.50 -27.49
C CYS B 135 29.88 -28.19 -26.89
N THR B 136 29.92 -27.87 -25.60
CA THR B 136 31.16 -27.51 -24.92
C THR B 136 31.56 -28.61 -23.96
N ASN B 137 32.77 -28.49 -23.44
CA ASN B 137 33.30 -29.52 -22.53
C ASN B 137 32.51 -29.55 -21.24
N VAL B 138 32.20 -30.76 -20.79
CA VAL B 138 31.51 -30.97 -19.52
C VAL B 138 32.33 -31.95 -18.69
N PRO B 139 32.27 -31.82 -17.36
CA PRO B 139 33.07 -32.73 -16.52
C PRO B 139 32.66 -34.19 -16.66
N ARG B 140 31.37 -34.47 -16.78
CA ARG B 140 30.88 -35.83 -16.87
C ARG B 140 29.95 -35.97 -18.06
N LYS B 141 30.03 -37.11 -18.75
CA LYS B 141 29.14 -37.41 -19.86
C LYS B 141 28.00 -38.34 -19.45
N CYS B 142 27.95 -38.76 -18.18
CA CYS B 142 26.90 -39.65 -17.71
C CYS B 142 25.57 -38.95 -17.52
N THR B 143 25.54 -37.63 -17.57
CA THR B 143 24.30 -36.89 -17.41
C THR B 143 23.55 -36.81 -18.74
N LYS B 144 22.23 -36.88 -18.68
CA LYS B 144 21.39 -36.89 -19.87
C LYS B 144 21.28 -35.47 -20.41
N TYR B 145 20.36 -35.26 -21.35
CA TYR B 145 20.21 -33.96 -22.00
C TYR B 145 19.61 -32.97 -21.02
N ASN B 146 20.46 -32.23 -20.33
CA ASN B 146 20.09 -31.16 -19.42
C ASN B 146 19.20 -31.63 -18.27
N ALA B 147 19.29 -32.90 -17.89
CA ALA B 147 18.44 -33.43 -16.84
C ALA B 147 18.81 -32.86 -15.47
N VAL B 148 20.05 -33.09 -15.05
CA VAL B 148 20.45 -32.73 -13.68
C VAL B 148 20.42 -31.23 -13.47
N TYR B 149 20.89 -30.47 -14.47
CA TYR B 149 20.93 -29.01 -14.31
C TYR B 149 19.53 -28.44 -14.18
N GLN B 150 18.61 -28.87 -15.05
CA GLN B 150 17.24 -28.38 -14.96
C GLN B 150 16.57 -28.82 -13.67
N ILE B 151 16.78 -30.07 -13.26
CA ILE B 151 16.11 -30.56 -12.06
C ILE B 151 16.71 -29.98 -10.79
N LEU B 152 17.90 -29.41 -10.86
CA LEU B 152 18.48 -28.74 -9.69
C LEU B 152 18.20 -27.25 -9.66
N HIS B 153 18.15 -26.61 -10.84
CA HIS B 153 18.08 -25.15 -10.88
C HIS B 153 16.65 -24.63 -10.81
N TYR B 154 15.66 -25.45 -11.17
CA TYR B 154 14.30 -24.97 -11.31
C TYR B 154 13.31 -25.65 -10.36
N LEU B 155 13.36 -26.98 -10.25
CA LEU B 155 12.26 -27.71 -9.63
C LEU B 155 12.43 -27.91 -8.14
N VAL B 156 13.66 -28.06 -7.65
CA VAL B 156 13.91 -28.40 -6.25
C VAL B 156 14.63 -27.23 -5.58
N ASP B 157 14.28 -26.98 -4.32
CA ASP B 157 14.78 -25.83 -3.60
C ASP B 157 16.22 -26.08 -3.14
N LYS B 158 16.72 -25.21 -2.26
CA LYS B 158 18.15 -25.17 -1.97
C LYS B 158 18.61 -26.23 -0.99
N ASP B 159 17.74 -26.68 -0.08
CA ASP B 159 18.21 -27.57 0.99
C ASP B 159 18.67 -28.91 0.45
N PHE B 160 18.16 -29.32 -0.71
CA PHE B 160 18.52 -30.60 -1.28
C PHE B 160 19.94 -30.55 -1.85
N MET B 161 20.71 -31.59 -1.57
CA MET B 161 22.05 -31.78 -2.13
C MET B 161 22.98 -30.62 -1.78
N THR B 162 23.03 -30.30 -0.50
CA THR B 162 23.95 -29.27 -0.05
C THR B 162 25.28 -29.91 0.39
N PRO B 163 26.40 -29.21 0.20
CA PRO B 163 27.69 -29.73 0.68
C PRO B 163 27.85 -29.62 2.18
N LYS B 164 26.92 -28.98 2.89
CA LYS B 164 27.04 -28.88 4.34
C LYS B 164 26.80 -30.22 5.01
N THR B 165 25.85 -31.00 4.53
CA THR B 165 25.57 -32.30 5.14
C THR B 165 26.64 -33.31 4.74
N ALA B 166 26.94 -34.23 5.65
CA ALA B 166 27.95 -35.25 5.41
C ALA B 166 27.40 -36.36 4.53
N ASP B 167 28.29 -37.22 4.06
CA ASP B 167 27.89 -38.35 3.26
C ASP B 167 27.02 -39.32 4.07
N TYR B 168 26.34 -40.21 3.36
CA TYR B 168 25.44 -41.22 3.89
C TYR B 168 24.17 -40.63 4.51
N ALA B 169 24.03 -39.31 4.54
CA ALA B 169 22.84 -38.67 5.05
C ALA B 169 21.88 -38.36 3.91
N THR B 170 20.60 -38.66 4.12
CA THR B 170 19.59 -38.45 3.09
C THR B 170 18.86 -37.14 3.35
N PRO B 171 18.84 -36.21 2.39
CA PRO B 171 18.14 -34.94 2.60
C PRO B 171 16.63 -35.10 2.65
N ALA B 172 15.91 -34.00 2.81
CA ALA B 172 14.46 -34.03 2.98
C ALA B 172 13.71 -33.33 1.86
N LEU B 173 14.19 -32.13 1.50
CA LEU B 173 13.58 -31.25 0.46
C LEU B 173 12.06 -31.15 0.70
N LYS B 174 11.69 -30.51 1.81
CA LYS B 174 10.29 -30.33 2.21
C LYS B 174 9.47 -29.57 1.17
N TYR B 175 10.11 -28.90 0.22
CA TYR B 175 9.42 -28.10 -0.77
C TYR B 175 9.84 -28.52 -2.17
N SER B 176 8.88 -28.58 -3.09
CA SER B 176 9.19 -28.79 -4.49
C SER B 176 8.29 -27.89 -5.32
N MET B 177 8.66 -27.71 -6.58
CA MET B 177 7.88 -26.91 -7.51
C MET B 177 7.34 -27.78 -8.62
N LEU B 178 6.41 -27.21 -9.39
CA LEU B 178 5.80 -27.91 -10.50
C LEU B 178 5.31 -26.87 -11.50
N PHE B 179 5.78 -26.96 -12.73
CA PHE B 179 5.42 -26.01 -13.77
C PHE B 179 4.19 -26.50 -14.53
N SER B 180 3.74 -25.67 -15.46
CA SER B 180 2.64 -26.03 -16.33
C SER B 180 2.94 -25.57 -17.75
N PRO B 181 2.69 -26.42 -18.75
CA PRO B 181 3.05 -26.06 -20.13
C PRO B 181 2.36 -24.83 -20.65
N THR B 182 1.24 -24.41 -20.04
CA THR B 182 0.55 -23.22 -20.48
C THR B 182 1.30 -21.97 -20.02
N GLU B 183 0.96 -20.85 -20.64
CA GLU B 183 1.63 -19.57 -20.39
C GLU B 183 0.79 -18.74 -19.44
N LYS B 184 1.41 -18.30 -18.34
CA LYS B 184 0.68 -17.58 -17.31
C LYS B 184 0.12 -16.28 -17.85
N GLY B 185 -0.97 -15.83 -17.24
CA GLY B 185 -1.65 -14.64 -17.69
C GLY B 185 -3.05 -14.58 -17.15
N GLU B 186 -3.76 -13.51 -17.53
CA GLU B 186 -5.11 -13.27 -17.03
C GLU B 186 -6.07 -14.38 -17.42
N SER B 187 -5.77 -15.17 -18.45
CA SER B 187 -6.70 -16.19 -18.91
C SER B 187 -6.92 -17.28 -17.86
N MET B 188 -6.03 -17.41 -16.88
CA MET B 188 -6.17 -18.46 -15.88
C MET B 188 -7.32 -18.24 -14.92
N MET B 189 -7.92 -17.05 -14.90
CA MET B 189 -8.90 -16.73 -13.87
C MET B 189 -10.03 -17.74 -13.85
N ASN B 190 -10.61 -18.03 -15.02
CA ASN B 190 -11.62 -19.07 -15.11
C ASN B 190 -11.14 -20.36 -14.47
N ILE B 191 -9.96 -20.84 -14.89
CA ILE B 191 -9.37 -22.03 -14.32
C ILE B 191 -9.33 -21.93 -12.80
N TYR B 192 -8.95 -20.77 -12.28
CA TYR B 192 -8.89 -20.61 -10.84
C TYR B 192 -10.28 -20.44 -10.22
N LEU B 193 -11.20 -19.79 -10.93
CA LEU B 193 -12.49 -19.44 -10.33
C LEU B 193 -13.39 -20.63 -10.10
N ASP B 194 -13.03 -21.83 -10.56
CA ASP B 194 -13.91 -22.98 -10.40
C ASP B 194 -13.21 -24.18 -9.78
N ASN B 195 -11.94 -24.38 -10.11
CA ASN B 195 -11.26 -25.62 -9.78
C ASN B 195 -10.31 -25.51 -8.58
N PHE B 196 -9.85 -24.32 -8.23
CA PHE B 196 -8.82 -24.19 -7.21
C PHE B 196 -9.27 -23.50 -5.93
N GLU B 197 -10.26 -22.60 -6.00
CA GLU B 197 -10.54 -21.75 -4.85
C GLU B 197 -11.23 -22.49 -3.73
N ASN B 198 -12.21 -23.35 -4.05
CA ASN B 198 -13.07 -23.93 -3.02
C ASN B 198 -12.30 -24.95 -2.18
N TRP B 199 -11.79 -25.99 -2.81
CA TRP B 199 -11.27 -27.15 -2.08
C TRP B 199 -9.93 -26.84 -1.42
N ASN B 200 -9.70 -27.52 -0.30
CA ASN B 200 -8.55 -27.26 0.56
C ASN B 200 -7.22 -27.51 -0.16
N SER B 201 -6.95 -28.77 -0.47
CA SER B 201 -5.70 -29.19 -1.09
C SER B 201 -5.93 -30.56 -1.70
N SER B 202 -4.84 -31.25 -2.02
CA SER B 202 -4.91 -32.65 -2.40
C SER B 202 -5.00 -33.50 -1.13
N ASP B 203 -4.85 -34.80 -1.27
CA ASP B 203 -4.92 -35.69 -0.12
C ASP B 203 -3.75 -35.43 0.83
N GLY B 204 -3.74 -36.16 1.94
CA GLY B 204 -2.81 -35.89 3.02
C GLY B 204 -1.34 -36.15 2.73
N VAL B 205 -1.00 -36.55 1.51
CA VAL B 205 0.41 -36.79 1.17
C VAL B 205 1.03 -35.63 0.39
N THR B 206 0.23 -34.81 -0.29
CA THR B 206 0.71 -33.66 -1.02
C THR B 206 -0.28 -32.51 -0.84
N THR B 207 0.23 -31.33 -0.50
CA THR B 207 -0.61 -30.17 -0.24
C THR B 207 -0.05 -28.96 -0.96
N ILE B 208 -0.84 -28.38 -1.86
CA ILE B 208 -0.44 -27.17 -2.54
C ILE B 208 -0.34 -26.02 -1.55
N THR B 209 0.71 -25.22 -1.65
CA THR B 209 0.90 -24.05 -0.80
C THR B 209 0.94 -22.75 -1.57
N GLY B 210 1.80 -22.65 -2.57
CA GLY B 210 1.98 -21.42 -3.33
C GLY B 210 1.55 -21.60 -4.77
N ILE B 211 0.92 -20.56 -5.31
CA ILE B 211 0.42 -20.56 -6.68
C ILE B 211 0.86 -19.26 -7.34
N GLU B 212 1.24 -19.34 -8.61
CA GLU B 212 1.70 -18.15 -9.33
C GLU B 212 1.06 -18.08 -10.72
N PHE B 213 -0.26 -18.23 -10.78
CA PHE B 213 -0.96 -18.08 -12.06
C PHE B 213 -0.88 -16.66 -12.61
N GLY B 214 -0.46 -15.69 -11.81
CA GLY B 214 -0.31 -14.33 -12.28
C GLY B 214 -1.57 -13.50 -12.29
N ILE B 215 -2.55 -13.84 -11.44
CA ILE B 215 -3.83 -13.14 -11.41
C ILE B 215 -4.05 -12.53 -10.03
N LYS B 216 -2.96 -12.17 -9.35
CA LYS B 216 -3.07 -11.72 -7.97
C LYS B 216 -3.77 -10.37 -7.87
N HIS B 217 -3.56 -9.49 -8.86
CA HIS B 217 -4.15 -8.17 -8.81
C HIS B 217 -5.40 -8.02 -9.66
N SER B 218 -5.52 -8.77 -10.76
CA SER B 218 -6.70 -8.63 -11.61
C SER B 218 -7.92 -9.27 -10.97
N LEU B 219 -7.72 -10.36 -10.22
CA LEU B 219 -8.82 -11.04 -9.54
C LEU B 219 -9.22 -10.36 -8.23
N PHE B 220 -8.35 -9.50 -7.70
CA PHE B 220 -8.57 -8.79 -6.44
C PHE B 220 -10.00 -8.30 -6.28
N GLN B 221 -10.45 -7.49 -7.24
CA GLN B 221 -11.80 -6.92 -7.21
C GLN B 221 -12.85 -7.92 -6.76
N ASP B 222 -12.84 -9.11 -7.37
CA ASP B 222 -13.88 -10.10 -7.06
C ASP B 222 -13.96 -10.36 -5.57
N TYR B 223 -12.82 -10.65 -4.94
CA TYR B 223 -12.83 -10.97 -3.51
C TYR B 223 -13.52 -9.87 -2.72
N LEU B 224 -13.31 -8.61 -3.11
CA LEU B 224 -13.97 -7.50 -2.45
C LEU B 224 -15.47 -7.76 -2.34
N LEU B 225 -16.13 -7.97 -3.48
CA LEU B 225 -17.55 -8.23 -3.48
C LEU B 225 -17.90 -9.46 -2.65
N MET B 226 -17.03 -10.46 -2.65
CA MET B 226 -17.33 -11.69 -1.92
C MET B 226 -17.09 -11.55 -0.42
N ASP B 227 -16.63 -10.41 0.06
CA ASP B 227 -16.32 -10.24 1.47
C ASP B 227 -16.91 -8.94 2.01
N THR B 228 -18.17 -8.69 1.70
CA THR B 228 -18.91 -7.60 2.29
C THR B 228 -19.92 -8.07 3.32
N VAL B 229 -19.96 -9.36 3.62
CA VAL B 229 -20.86 -9.85 4.65
C VAL B 229 -20.35 -9.54 6.05
N TYR B 230 -19.05 -9.29 6.20
CA TYR B 230 -18.48 -8.99 7.51
C TYR B 230 -18.77 -7.55 7.94
N PRO B 231 -18.69 -6.56 7.03
CA PRO B 231 -19.24 -5.24 7.40
C PRO B 231 -20.70 -5.30 7.80
N ALA B 232 -21.56 -5.89 6.96
CA ALA B 232 -22.99 -5.95 7.25
C ALA B 232 -23.26 -6.54 8.62
N ILE B 233 -22.74 -7.76 8.88
CA ILE B 233 -22.89 -8.37 10.19
C ILE B 233 -22.51 -7.39 11.30
N ALA B 234 -21.37 -6.72 11.14
CA ALA B 234 -20.94 -5.73 12.12
C ALA B 234 -22.07 -4.77 12.45
N ILE B 235 -22.64 -4.13 11.42
CA ILE B 235 -23.74 -3.20 11.64
C ILE B 235 -24.81 -3.84 12.52
N VAL B 236 -25.25 -5.05 12.16
CA VAL B 236 -26.28 -5.73 12.93
C VAL B 236 -25.91 -5.75 14.40
N ILE B 237 -24.70 -6.22 14.72
CA ILE B 237 -24.28 -6.33 16.11
C ILE B 237 -24.44 -4.98 16.80
N VAL B 238 -23.95 -3.92 16.16
CA VAL B 238 -24.04 -2.59 16.75
C VAL B 238 -25.47 -2.30 17.15
N LEU B 239 -26.41 -2.49 16.21
CA LEU B 239 -27.82 -2.27 16.51
C LEU B 239 -28.20 -2.94 17.82
N LEU B 240 -27.91 -4.23 17.93
CA LEU B 240 -28.24 -4.98 19.14
C LEU B 240 -27.75 -4.26 20.38
N VAL B 241 -26.46 -3.91 20.41
CA VAL B 241 -25.89 -3.30 21.61
C VAL B 241 -26.61 -2.00 21.93
N MET B 242 -26.95 -1.23 20.90
CA MET B 242 -27.61 0.04 21.16
C MET B 242 -28.97 -0.18 21.80
N CYS B 243 -29.67 -1.25 21.40
CA CYS B 243 -30.94 -1.58 22.02
C CYS B 243 -30.79 -1.78 23.52
N VAL B 244 -29.64 -2.29 23.96
CA VAL B 244 -29.44 -2.48 25.39
C VAL B 244 -29.26 -1.14 26.09
N TYR B 245 -28.62 -0.18 25.43
CA TYR B 245 -28.35 1.10 26.10
C TYR B 245 -29.59 1.98 26.10
N THR B 246 -30.06 2.36 24.93
CA THR B 246 -31.34 3.03 24.78
C THR B 246 -32.35 1.98 24.31
N LYS B 247 -33.40 1.78 25.10
CA LYS B 247 -34.29 0.64 24.87
C LYS B 247 -35.20 0.83 23.66
N SER B 248 -35.40 2.06 23.22
CA SER B 248 -36.30 2.33 22.09
C SER B 248 -35.63 1.95 20.78
N MET B 249 -36.21 0.97 20.09
CA MET B 249 -35.71 0.58 18.76
C MET B 249 -35.76 1.75 17.79
N PHE B 250 -36.67 2.70 18.01
CA PHE B 250 -36.85 3.83 17.10
C PHE B 250 -35.57 4.65 17.00
N ILE B 251 -34.99 5.01 18.15
CA ILE B 251 -33.80 5.86 18.15
C ILE B 251 -32.64 5.14 17.51
N THR B 252 -32.46 3.85 17.81
CA THR B 252 -31.39 3.08 17.20
C THR B 252 -31.51 3.06 15.69
N LEU B 253 -32.70 2.72 15.19
CA LEU B 253 -32.89 2.68 13.74
C LEU B 253 -32.64 4.04 13.11
N MET B 254 -33.14 5.11 13.73
CA MET B 254 -33.00 6.42 13.11
C MET B 254 -31.56 6.92 13.17
N THR B 255 -30.79 6.57 14.19
CA THR B 255 -29.41 7.01 14.21
C THR B 255 -28.54 6.21 13.25
N MET B 256 -28.84 4.92 13.06
CA MET B 256 -28.13 4.18 12.03
C MET B 256 -28.46 4.71 10.64
N PHE B 257 -29.74 5.03 10.40
CA PHE B 257 -30.11 5.65 9.14
C PHE B 257 -29.44 7.01 8.97
N ALA B 258 -29.25 7.73 10.07
CA ALA B 258 -28.54 9.01 9.99
C ALA B 258 -27.09 8.81 9.59
N ILE B 259 -26.44 7.77 10.14
CA ILE B 259 -25.06 7.46 9.76
C ILE B 259 -24.98 7.14 8.27
N ILE B 260 -25.87 6.27 7.78
CA ILE B 260 -25.84 5.88 6.38
C ILE B 260 -26.08 7.09 5.48
N SER B 261 -27.12 7.88 5.79
CA SER B 261 -27.40 9.06 5.00
C SER B 261 -26.25 10.06 5.07
N SER B 262 -25.52 10.09 6.17
CA SER B 262 -24.35 10.95 6.27
C SER B 262 -23.28 10.53 5.28
N LEU B 263 -22.98 9.23 5.24
CA LEU B 263 -22.03 8.73 4.24
C LEU B 263 -22.49 9.08 2.83
N ILE B 264 -23.79 8.95 2.56
CA ILE B 264 -24.30 9.19 1.21
C ILE B 264 -24.14 10.66 0.82
N VAL B 265 -24.60 11.57 1.69
CA VAL B 265 -24.51 12.98 1.36
C VAL B 265 -23.05 13.43 1.34
N SER B 266 -22.18 12.79 2.13
CA SER B 266 -20.77 13.12 2.05
C SER B 266 -20.19 12.71 0.71
N TYR B 267 -20.58 11.55 0.19
CA TYR B 267 -20.17 11.16 -1.15
C TYR B 267 -20.64 12.19 -2.18
N PHE B 268 -21.91 12.58 -2.09
CA PHE B 268 -22.44 13.56 -3.04
C PHE B 268 -21.64 14.85 -3.00
N LEU B 269 -21.41 15.37 -1.79
CA LEU B 269 -20.65 16.60 -1.64
C LEU B 269 -19.21 16.44 -2.13
N TYR B 270 -18.68 15.22 -2.00
CA TYR B 270 -17.32 14.91 -2.42
C TYR B 270 -17.16 14.89 -3.93
N ARG B 271 -18.18 14.41 -4.65
CA ARG B 271 -17.98 14.07 -6.06
C ARG B 271 -18.19 15.27 -6.98
N VAL B 272 -19.24 16.05 -6.74
CA VAL B 272 -19.67 17.07 -7.70
C VAL B 272 -19.37 18.48 -7.20
N VAL B 273 -19.51 18.74 -5.90
CA VAL B 273 -19.28 20.08 -5.38
C VAL B 273 -17.79 20.38 -5.31
N PHE B 274 -17.04 19.55 -4.59
CA PHE B 274 -15.59 19.69 -4.58
C PHE B 274 -14.99 19.34 -5.94
N HIS B 275 -15.73 18.64 -6.78
CA HIS B 275 -15.57 18.54 -8.23
C HIS B 275 -14.40 17.68 -8.68
N PHE B 276 -13.55 17.15 -7.81
CA PHE B 276 -12.41 16.35 -8.26
C PHE B 276 -12.83 14.88 -8.33
N GLU B 277 -12.41 14.22 -9.41
CA GLU B 277 -13.02 12.97 -9.85
C GLU B 277 -12.00 11.83 -9.78
N PHE B 278 -11.90 11.21 -8.61
CA PHE B 278 -11.10 10.01 -8.44
C PHE B 278 -11.51 9.36 -7.13
N PHE B 279 -11.88 8.09 -7.18
CA PHE B 279 -12.30 7.37 -5.98
C PHE B 279 -11.32 6.26 -5.67
N PRO B 280 -10.46 6.43 -4.68
CA PRO B 280 -9.49 5.38 -4.37
C PRO B 280 -10.13 4.17 -3.72
N PHE B 281 -9.31 3.19 -3.32
CA PHE B 281 -9.81 1.98 -2.69
C PHE B 281 -10.06 2.13 -1.21
N MET B 282 -9.04 2.61 -0.48
CA MET B 282 -9.11 2.67 0.98
C MET B 282 -10.32 3.45 1.48
N ASN B 283 -10.90 4.31 0.64
CA ASN B 283 -12.08 5.07 1.03
C ASN B 283 -13.19 4.16 1.53
N LEU B 284 -13.32 2.97 0.96
CA LEU B 284 -14.31 2.02 1.44
C LEU B 284 -14.17 1.77 2.94
N THR B 285 -12.94 1.50 3.38
CA THR B 285 -12.70 1.24 4.80
C THR B 285 -13.24 2.35 5.68
N ALA B 286 -13.29 3.58 5.14
CA ALA B 286 -13.83 4.71 5.89
C ALA B 286 -15.14 4.35 6.58
N LEU B 287 -16.06 3.70 5.84
CA LEU B 287 -17.35 3.33 6.41
C LEU B 287 -17.17 2.66 7.78
N ILE B 288 -16.35 1.60 7.82
CA ILE B 288 -16.13 0.88 9.07
C ILE B 288 -15.77 1.84 10.18
N ILE B 289 -14.78 2.70 9.93
CA ILE B 289 -14.34 3.66 10.94
C ILE B 289 -15.53 4.46 11.45
N LEU B 290 -16.33 5.01 10.55
CA LEU B 290 -17.41 5.89 10.98
C LEU B 290 -18.45 5.10 11.76
N VAL B 291 -18.60 3.80 11.48
CA VAL B 291 -19.54 2.99 12.23
C VAL B 291 -19.19 2.99 13.71
N GLY B 292 -17.89 3.05 14.02
CA GLY B 292 -17.47 3.07 15.40
C GLY B 292 -17.29 4.47 15.96
N ILE B 293 -17.83 5.48 15.27
CA ILE B 293 -17.65 6.86 15.71
C ILE B 293 -18.99 7.54 15.93
N GLY B 294 -19.81 7.58 14.89
CA GLY B 294 -21.06 8.35 14.97
C GLY B 294 -21.93 7.94 16.13
N ALA B 295 -22.08 6.63 16.34
CA ALA B 295 -22.89 6.13 17.45
C ALA B 295 -22.52 6.80 18.77
N ASN B 296 -21.23 7.07 18.97
CA ASN B 296 -20.77 7.70 20.21
C ASN B 296 -21.59 8.95 20.52
N ASN B 297 -21.82 9.79 19.52
CA ASN B 297 -22.56 11.03 19.75
C ASN B 297 -23.91 10.74 20.40
N ALA B 298 -24.63 9.74 19.91
CA ALA B 298 -25.91 9.37 20.52
C ALA B 298 -25.75 9.10 22.00
N PHE B 299 -24.76 8.28 22.37
CA PHE B 299 -24.56 7.91 23.76
C PHE B 299 -24.16 9.08 24.63
N VAL B 300 -23.93 10.25 24.05
CA VAL B 300 -23.73 11.46 24.82
C VAL B 300 -25.03 12.25 24.94
N LEU B 301 -25.81 12.32 23.87
CA LEU B 301 -27.03 13.12 23.91
C LEU B 301 -28.11 12.44 24.74
N CYS B 302 -28.54 11.26 24.31
CA CYS B 302 -29.64 10.55 24.96
C CYS B 302 -29.50 10.55 26.47
N ASP B 303 -28.36 10.06 26.97
CA ASP B 303 -28.11 10.04 28.40
C ASP B 303 -28.40 11.40 29.03
N VAL B 304 -27.74 12.45 28.54
CA VAL B 304 -27.95 13.80 29.07
C VAL B 304 -29.42 14.14 29.11
N TRP B 305 -30.14 13.82 28.03
CA TRP B 305 -31.58 14.03 27.97
C TRP B 305 -32.25 13.55 29.26
N ASN B 306 -32.07 12.26 29.57
CA ASN B 306 -32.69 11.68 30.75
C ASN B 306 -32.34 12.48 32.00
N TYR B 307 -31.06 12.84 32.15
CA TYR B 307 -30.65 13.61 33.33
C TYR B 307 -31.48 14.88 33.45
N THR B 308 -31.60 15.62 32.35
CA THR B 308 -32.42 16.83 32.39
C THR B 308 -33.88 16.48 32.68
N LYS B 309 -34.38 15.43 32.04
CA LYS B 309 -35.75 14.99 32.30
C LYS B 309 -35.91 14.41 33.69
N PHE B 310 -34.82 14.26 34.44
CA PHE B 310 -34.88 13.84 35.83
C PHE B 310 -34.71 15.00 36.79
N ASP B 311 -34.31 16.18 36.29
CA ASP B 311 -34.11 17.34 37.15
C ASP B 311 -35.38 18.18 37.25
N LYS B 312 -35.93 18.59 36.12
CA LYS B 312 -37.15 19.40 36.07
C LYS B 312 -38.17 18.71 35.17
N PRO B 313 -38.78 17.62 35.64
CA PRO B 313 -39.69 16.87 34.77
C PRO B 313 -40.96 17.62 34.41
N HIS B 314 -41.50 18.43 35.33
CA HIS B 314 -42.76 19.13 35.08
C HIS B 314 -42.63 20.25 34.07
N ALA B 315 -41.41 20.62 33.69
CA ALA B 315 -41.22 21.75 32.80
C ALA B 315 -41.67 21.41 31.38
N GLU B 316 -41.72 22.45 30.54
CA GLU B 316 -42.10 22.27 29.14
C GLU B 316 -40.97 21.60 28.37
N THR B 317 -41.35 20.75 27.41
CA THR B 317 -40.36 20.01 26.62
C THR B 317 -39.36 20.94 25.95
N SER B 318 -39.83 22.09 25.47
CA SER B 318 -38.93 23.02 24.80
C SER B 318 -37.76 23.43 25.70
N GLU B 319 -38.04 23.68 26.98
CA GLU B 319 -36.97 24.08 27.89
C GLU B 319 -35.96 22.97 28.09
N THR B 320 -36.44 21.73 28.27
CA THR B 320 -35.54 20.59 28.41
C THR B 320 -34.68 20.42 27.17
N VAL B 321 -35.27 20.62 25.98
CA VAL B 321 -34.50 20.51 24.75
C VAL B 321 -33.42 21.57 24.69
N SER B 322 -33.77 22.82 25.02
CA SER B 322 -32.79 23.88 25.02
C SER B 322 -31.65 23.59 26.00
N ILE B 323 -32.00 23.08 27.19
CA ILE B 323 -30.97 22.81 28.20
C ILE B 323 -30.07 21.67 27.75
N THR B 324 -30.64 20.60 27.17
CA THR B 324 -29.80 19.49 26.77
C THR B 324 -28.92 19.84 25.57
N LEU B 325 -29.40 20.71 24.67
CA LEU B 325 -28.54 21.21 23.62
C LEU B 325 -27.39 22.03 24.22
N GLN B 326 -27.73 22.95 25.13
CA GLN B 326 -26.71 23.73 25.82
C GLN B 326 -25.65 22.85 26.47
N HIS B 327 -26.05 21.70 27.00
CA HIS B 327 -25.12 20.85 27.73
C HIS B 327 -24.43 19.81 26.88
N ALA B 328 -24.88 19.56 25.64
CA ALA B 328 -24.27 18.52 24.82
C ALA B 328 -23.53 19.02 23.60
N ALA B 329 -23.96 20.14 23.01
CA ALA B 329 -23.42 20.58 21.72
C ALA B 329 -21.93 20.88 21.82
N LEU B 330 -21.50 21.48 22.93
CA LEU B 330 -20.09 21.84 23.07
C LEU B 330 -19.19 20.62 22.98
N SER B 331 -19.46 19.59 23.79
CA SER B 331 -18.62 18.41 23.78
C SER B 331 -18.73 17.64 22.47
N MET B 332 -19.95 17.53 21.93
CA MET B 332 -20.10 16.86 20.63
C MET B 332 -19.23 17.52 19.58
N PHE B 333 -19.31 18.86 19.47
CA PHE B 333 -18.53 19.56 18.47
C PHE B 333 -17.04 19.44 18.75
N VAL B 334 -16.63 19.49 20.01
CA VAL B 334 -15.21 19.37 20.33
C VAL B 334 -14.67 18.05 19.79
N THR B 335 -15.29 16.93 20.16
CA THR B 335 -14.74 15.64 19.75
C THR B 335 -14.85 15.43 18.24
N SER B 336 -15.98 15.82 17.64
CA SER B 336 -16.13 15.63 16.21
C SER B 336 -15.14 16.46 15.41
N PHE B 337 -15.00 17.74 15.77
CA PHE B 337 -14.07 18.61 15.06
C PHE B 337 -12.64 18.18 15.26
N THR B 338 -12.29 17.66 16.45
CA THR B 338 -10.94 17.17 16.66
C THR B 338 -10.64 16.00 15.73
N THR B 339 -11.53 15.01 15.68
CA THR B 339 -11.30 13.87 14.79
C THR B 339 -11.28 14.32 13.33
N ALA B 340 -12.14 15.27 12.96
CA ALA B 340 -12.18 15.73 11.59
C ALA B 340 -10.89 16.43 11.19
N ALA B 341 -10.35 17.27 12.08
CA ALA B 341 -9.08 17.93 11.78
C ALA B 341 -7.94 16.91 11.71
N ALA B 342 -7.98 15.89 12.56
CA ALA B 342 -6.98 14.83 12.50
C ALA B 342 -7.04 14.10 11.17
N PHE B 343 -8.23 13.94 10.60
CA PHE B 343 -8.34 13.31 9.28
C PHE B 343 -7.89 14.26 8.18
N TYR B 344 -8.34 15.52 8.23
CA TYR B 344 -7.99 16.50 7.20
C TYR B 344 -6.51 16.84 7.20
N ALA B 345 -5.79 16.54 8.27
CA ALA B 345 -4.36 16.86 8.29
C ALA B 345 -3.56 16.05 7.27
N ASN B 346 -4.12 14.98 6.73
CA ASN B 346 -3.45 14.23 5.69
C ASN B 346 -3.42 14.95 4.34
N TYR B 347 -3.98 16.15 4.25
CA TYR B 347 -3.96 16.91 3.02
C TYR B 347 -2.64 17.61 2.78
N VAL B 348 -1.60 17.24 3.52
CA VAL B 348 -0.24 17.74 3.29
C VAL B 348 0.69 16.67 2.76
N SER B 349 0.21 15.45 2.60
CA SER B 349 1.02 14.40 1.99
C SER B 349 1.05 14.56 0.48
N ASN B 350 2.09 14.02 -0.13
CA ASN B 350 2.30 14.15 -1.57
C ASN B 350 1.68 13.02 -2.36
N ILE B 351 1.34 11.90 -1.72
CA ILE B 351 0.65 10.82 -2.42
C ILE B 351 -0.78 11.26 -2.74
N THR B 352 -1.45 10.48 -3.57
CA THR B 352 -2.80 10.80 -4.03
C THR B 352 -3.88 10.11 -3.21
N ALA B 353 -3.74 8.80 -2.97
CA ALA B 353 -4.79 8.04 -2.31
C ALA B 353 -5.11 8.60 -0.93
N ILE B 354 -4.08 8.87 -0.13
CA ILE B 354 -4.33 9.40 1.20
C ILE B 354 -4.77 10.85 1.12
N ARG B 355 -4.28 11.59 0.13
CA ARG B 355 -4.67 12.98 -0.04
C ARG B 355 -6.14 13.12 -0.40
N CYS B 356 -6.77 12.05 -0.90
CA CYS B 356 -8.21 12.07 -1.12
C CYS B 356 -8.99 11.44 0.03
N PHE B 357 -8.47 10.35 0.59
CA PHE B 357 -9.13 9.70 1.72
C PHE B 357 -9.30 10.65 2.88
N GLY B 358 -8.30 11.50 3.12
CA GLY B 358 -8.40 12.49 4.17
C GLY B 358 -9.62 13.37 4.02
N VAL B 359 -9.74 14.03 2.86
CA VAL B 359 -10.86 14.95 2.63
C VAL B 359 -12.19 14.21 2.75
N TYR B 360 -12.26 13.00 2.18
CA TYR B 360 -13.53 12.27 2.22
C TYR B 360 -13.96 11.97 3.64
N ALA B 361 -13.06 11.36 4.43
CA ALA B 361 -13.43 10.99 5.79
C ALA B 361 -13.73 12.22 6.64
N GLY B 362 -12.99 13.31 6.42
CA GLY B 362 -13.26 14.52 7.18
C GLY B 362 -14.64 15.07 6.92
N THR B 363 -14.99 15.21 5.64
CA THR B 363 -16.33 15.69 5.31
C THR B 363 -17.40 14.76 5.88
N ALA B 364 -17.14 13.45 5.84
CA ALA B 364 -18.10 12.51 6.40
C ALA B 364 -18.35 12.77 7.87
N ILE B 365 -17.27 12.91 8.65
CA ILE B 365 -17.45 13.11 10.10
C ILE B 365 -18.14 14.44 10.38
N LEU B 366 -17.79 15.49 9.64
CA LEU B 366 -18.42 16.79 9.89
C LEU B 366 -19.92 16.73 9.61
N VAL B 367 -20.31 16.14 8.49
CA VAL B 367 -21.73 16.05 8.18
C VAL B 367 -22.45 15.15 9.19
N ASN B 368 -21.77 14.10 9.66
CA ASN B 368 -22.38 13.27 10.69
C ASN B 368 -22.64 14.06 11.96
N TYR B 369 -21.72 14.94 12.33
CA TYR B 369 -21.95 15.78 13.50
C TYR B 369 -23.15 16.69 13.29
N VAL B 370 -23.24 17.31 12.11
CA VAL B 370 -24.37 18.21 11.85
C VAL B 370 -25.69 17.46 11.95
N LEU B 371 -25.75 16.25 11.39
CA LEU B 371 -26.98 15.48 11.49
C LEU B 371 -27.27 15.06 12.92
N MET B 372 -26.25 14.65 13.68
CA MET B 372 -26.47 14.30 15.08
C MET B 372 -26.95 15.50 15.88
N VAL B 373 -26.63 16.72 15.45
CA VAL B 373 -27.12 17.90 16.16
C VAL B 373 -28.56 18.23 15.77
N THR B 374 -28.91 18.07 14.49
CA THR B 374 -30.23 18.49 14.05
C THR B 374 -31.27 17.35 14.08
N TRP B 375 -30.99 16.28 13.34
CA TRP B 375 -31.95 15.19 13.15
C TRP B 375 -32.27 14.49 14.47
N LEU B 376 -31.30 14.37 15.36
CA LEU B 376 -31.44 13.51 16.53
C LEU B 376 -32.36 14.11 17.59
N PRO B 377 -32.24 15.39 17.95
CA PRO B 377 -33.23 15.95 18.88
C PRO B 377 -34.65 15.85 18.35
N ALA B 378 -34.83 15.98 17.04
CA ALA B 378 -36.16 15.82 16.46
C ALA B 378 -36.74 14.44 16.78
N VAL B 379 -35.97 13.38 16.52
CA VAL B 379 -36.51 12.05 16.75
C VAL B 379 -36.64 11.77 18.24
N VAL B 380 -35.78 12.36 19.08
CA VAL B 380 -35.87 12.06 20.50
C VAL B 380 -37.04 12.80 21.13
N VAL B 381 -37.44 13.96 20.61
CA VAL B 381 -38.63 14.63 21.14
C VAL B 381 -39.89 14.00 20.55
N LEU B 382 -39.86 13.63 19.27
CA LEU B 382 -40.97 12.88 18.69
C LEU B 382 -41.11 11.51 19.32
N HIS B 383 -40.09 11.06 20.05
CA HIS B 383 -40.23 9.86 20.88
C HIS B 383 -40.87 10.25 22.20
N GLU B 384 -42.00 10.94 22.13
CA GLU B 384 -42.84 11.20 23.28
C GLU B 384 -43.84 10.07 23.52
N ARG B 385 -43.88 9.09 22.64
CA ARG B 385 -44.87 8.02 22.69
C ARG B 385 -44.23 6.70 23.08
N ALA B 411 -45.23 -14.49 28.49
CA ALA B 411 -44.29 -14.36 29.61
C ALA B 411 -43.28 -13.26 29.34
N CYS B 412 -43.38 -12.17 30.12
CA CYS B 412 -42.47 -11.05 29.98
C CYS B 412 -41.95 -10.54 31.31
N GLN B 413 -42.43 -11.07 32.44
CA GLN B 413 -41.96 -10.61 33.75
C GLN B 413 -40.46 -10.83 33.89
N LYS B 414 -39.98 -12.02 33.52
CA LYS B 414 -38.55 -12.28 33.59
C LYS B 414 -37.78 -11.47 32.55
N CYS B 415 -38.37 -11.27 31.37
CA CYS B 415 -37.71 -10.49 30.32
C CYS B 415 -37.53 -9.03 30.74
N HIS B 416 -38.41 -8.52 31.60
CA HIS B 416 -38.24 -7.18 32.14
C HIS B 416 -37.34 -7.17 33.38
N LYS B 417 -37.41 -8.21 34.21
CA LYS B 417 -36.61 -8.25 35.42
C LYS B 417 -35.13 -8.40 35.09
N VAL B 418 -34.80 -9.11 34.01
CA VAL B 418 -33.39 -9.24 33.64
C VAL B 418 -32.82 -7.89 33.23
N LEU B 419 -33.60 -7.09 32.49
CA LEU B 419 -33.13 -5.76 32.13
C LEU B 419 -33.04 -4.86 33.35
N PHE B 420 -34.00 -4.95 34.27
CA PHE B 420 -33.92 -4.17 35.50
C PHE B 420 -32.66 -4.53 36.28
N ALA B 421 -32.34 -5.82 36.38
CA ALA B 421 -31.13 -6.24 37.08
C ALA B 421 -29.88 -5.79 36.35
N ILE B 422 -29.90 -5.80 35.02
CA ILE B 422 -28.77 -5.30 34.24
C ILE B 422 -28.53 -3.83 34.56
N SER B 423 -29.60 -3.03 34.58
CA SER B 423 -29.47 -1.61 34.88
C SER B 423 -28.92 -1.42 36.30
N GLU B 424 -29.46 -2.17 37.26
CA GLU B 424 -28.99 -2.04 38.63
C GLU B 424 -27.51 -2.40 38.76
N ALA B 425 -27.10 -3.48 38.11
CA ALA B 425 -25.71 -3.91 38.18
C ALA B 425 -24.79 -2.88 37.53
N SER B 426 -25.18 -2.38 36.36
CA SER B 426 -24.36 -1.36 35.70
C SER B 426 -24.24 -0.11 36.55
N ARG B 427 -25.33 0.31 37.18
CA ARG B 427 -25.28 1.49 38.04
C ARG B 427 -24.36 1.25 39.22
N ILE B 428 -24.56 0.15 39.94
CA ILE B 428 -23.76 -0.10 41.14
C ILE B 428 -22.30 -0.31 40.78
N PHE B 429 -22.02 -0.74 39.54
CA PHE B 429 -20.63 -0.89 39.11
C PHE B 429 -20.00 0.46 38.80
N PHE B 430 -20.56 1.19 37.85
CA PHE B 430 -19.98 2.44 37.40
C PHE B 430 -20.21 3.60 38.36
N GLU B 431 -20.83 3.36 39.52
CA GLU B 431 -21.01 4.42 40.51
C GLU B 431 -20.20 4.19 41.76
N LYS B 432 -20.03 2.95 42.20
CA LYS B 432 -19.36 2.66 43.46
C LYS B 432 -18.13 1.77 43.32
N VAL B 433 -18.13 0.82 42.39
CA VAL B 433 -17.06 -0.16 42.30
C VAL B 433 -15.86 0.41 41.54
N LEU B 434 -16.11 0.98 40.36
CA LEU B 434 -15.01 1.51 39.56
C LEU B 434 -14.27 2.65 40.25
N PRO B 435 -14.94 3.65 40.84
CA PRO B 435 -14.16 4.68 41.56
C PRO B 435 -13.36 4.10 42.72
N CYS B 436 -13.93 3.15 43.45
CA CYS B 436 -13.17 2.49 44.52
C CYS B 436 -11.92 1.83 43.97
N ILE B 437 -12.07 1.06 42.89
CA ILE B 437 -10.93 0.34 42.32
C ILE B 437 -9.86 1.32 41.84
N VAL B 438 -10.28 2.43 41.24
CA VAL B 438 -9.28 3.33 40.66
C VAL B 438 -8.63 4.21 41.72
N ILE B 439 -9.32 4.48 42.83
CA ILE B 439 -8.79 5.44 43.81
C ILE B 439 -8.16 4.78 45.03
N LYS B 440 -8.52 3.54 45.36
CA LYS B 440 -7.96 2.91 46.55
C LYS B 440 -6.51 2.53 46.34
N PHE B 441 -6.18 2.04 45.14
CA PHE B 441 -4.79 1.66 44.86
C PHE B 441 -3.98 2.90 44.51
N ARG B 442 -4.32 3.56 43.40
CA ARG B 442 -3.96 4.94 43.09
C ARG B 442 -2.45 5.13 42.91
N TYR B 443 -1.64 4.12 43.13
CA TYR B 443 -0.20 4.27 42.98
C TYR B 443 0.43 3.20 42.10
N LEU B 444 -0.09 1.97 42.15
CA LEU B 444 0.40 0.94 41.24
C LEU B 444 0.17 1.34 39.79
N TRP B 445 -0.96 1.98 39.50
CA TRP B 445 -1.27 2.37 38.14
C TRP B 445 -0.25 3.38 37.61
N LEU B 446 0.16 4.33 38.43
CA LEU B 446 1.15 5.32 38.00
C LEU B 446 2.42 4.64 37.51
N PHE B 447 3.04 3.83 38.36
CA PHE B 447 4.29 3.18 37.99
C PHE B 447 4.08 2.24 36.81
N TRP B 448 2.98 1.48 36.81
CA TRP B 448 2.75 0.51 35.74
C TRP B 448 2.63 1.20 34.39
N PHE B 449 1.81 2.26 34.31
CA PHE B 449 1.61 2.92 33.04
C PHE B 449 2.83 3.75 32.65
N LEU B 450 3.60 4.27 33.61
CA LEU B 450 4.83 4.95 33.25
C LEU B 450 5.84 3.97 32.67
N ALA B 451 5.92 2.76 33.23
CA ALA B 451 6.77 1.74 32.67
C ALA B 451 6.34 1.37 31.26
N LEU B 452 5.03 1.19 31.05
CA LEU B 452 4.55 0.87 29.71
C LEU B 452 4.85 2.00 28.73
N THR B 453 4.70 3.25 29.17
CA THR B 453 4.96 4.39 28.30
C THR B 453 6.44 4.45 27.91
N VAL B 454 7.33 4.29 28.88
CA VAL B 454 8.75 4.36 28.56
C VAL B 454 9.17 3.18 27.70
N GLY B 455 8.58 2.00 27.92
CA GLY B 455 8.86 0.87 27.05
C GLY B 455 8.43 1.13 25.62
N GLY B 456 7.22 1.66 25.44
CA GLY B 456 6.77 2.01 24.11
C GLY B 456 7.64 3.06 23.46
N ALA B 457 8.06 4.07 24.22
CA ALA B 457 8.93 5.10 23.69
C ALA B 457 10.25 4.51 23.19
N TYR B 458 10.89 3.69 24.03
CA TYR B 458 12.15 3.08 23.63
C TYR B 458 11.97 2.14 22.45
N ILE B 459 10.82 1.45 22.38
CA ILE B 459 10.63 0.47 21.31
C ILE B 459 10.19 1.12 20.00
N VAL B 460 9.74 2.37 20.04
CA VAL B 460 9.41 3.07 18.82
C VAL B 460 10.53 4.00 18.36
N CYS B 461 11.41 4.43 19.26
CA CYS B 461 12.43 5.42 18.92
C CYS B 461 13.78 4.79 18.59
N ILE B 462 14.29 3.89 19.43
CA ILE B 462 15.69 3.53 19.30
C ILE B 462 15.91 2.17 18.64
N ASN B 463 15.56 1.08 19.32
CA ASN B 463 16.07 -0.17 18.80
C ASN B 463 15.26 -0.69 17.60
N PRO B 464 14.00 -1.14 17.76
CA PRO B 464 13.29 -1.69 16.59
C PRO B 464 12.40 -0.68 15.90
N LYS B 465 12.94 0.47 15.50
CA LYS B 465 12.13 1.49 14.85
C LYS B 465 11.42 0.93 13.62
N MET B 466 10.28 1.52 13.29
CA MET B 466 9.49 1.05 12.15
C MET B 466 10.32 1.14 10.88
N LYS B 467 10.10 0.19 9.97
CA LYS B 467 10.91 0.10 8.77
C LYS B 467 10.09 0.53 7.55
N LEU B 468 10.78 1.18 6.62
CA LEU B 468 10.18 1.59 5.35
C LEU B 468 9.81 0.34 4.55
N PRO B 469 8.98 0.49 3.51
CA PRO B 469 8.59 -0.69 2.72
C PRO B 469 9.80 -1.32 2.04
N SER B 470 9.74 -2.64 1.87
CA SER B 470 10.83 -3.38 1.26
C SER B 470 10.31 -4.41 0.27
N LEU B 471 9.32 -4.02 -0.53
CA LEU B 471 8.79 -4.87 -1.60
C LEU B 471 8.51 -4.01 -2.83
N GLU B 472 8.85 -4.54 -3.99
CA GLU B 472 8.72 -3.80 -5.23
C GLU B 472 7.27 -3.37 -5.45
N LEU B 473 7.10 -2.19 -6.05
CA LEU B 473 5.78 -1.64 -6.33
C LEU B 473 4.89 -2.62 -7.09
N SER B 474 5.49 -3.60 -7.76
CA SER B 474 4.70 -4.52 -8.58
C SER B 474 3.85 -5.45 -7.72
N GLU B 475 4.38 -5.90 -6.58
CA GLU B 475 3.68 -6.87 -5.73
C GLU B 475 3.68 -6.39 -4.27
N PHE B 476 2.66 -5.62 -3.90
CA PHE B 476 2.37 -5.35 -2.51
C PHE B 476 1.54 -6.50 -1.93
N GLN B 477 1.74 -6.75 -0.65
CA GLN B 477 0.92 -7.72 0.05
C GLN B 477 -0.47 -7.13 0.20
N VAL B 478 -1.38 -7.53 -0.69
CA VAL B 478 -2.73 -6.97 -0.72
C VAL B 478 -3.80 -8.00 -0.32
N PHE B 479 -3.41 -9.23 -0.03
CA PHE B 479 -4.33 -10.26 0.43
C PHE B 479 -3.98 -10.66 1.86
N ARG B 480 -4.72 -11.64 2.37
CA ARG B 480 -4.41 -12.20 3.67
C ARG B 480 -3.03 -12.83 3.64
N SER B 481 -2.37 -12.87 4.79
CA SER B 481 -1.01 -13.40 4.81
C SER B 481 -0.96 -14.90 4.78
N SER B 482 -2.06 -15.58 4.48
CA SER B 482 -2.08 -17.02 4.34
C SER B 482 -2.63 -17.47 3.00
N HIS B 483 -2.99 -16.55 2.12
CA HIS B 483 -3.49 -16.92 0.81
C HIS B 483 -2.37 -17.55 -0.01
N PRO B 484 -2.70 -18.51 -0.88
CA PRO B 484 -1.67 -19.18 -1.67
C PRO B 484 -0.86 -18.25 -2.56
N PHE B 485 -1.34 -17.04 -2.83
CA PHE B 485 -0.59 -16.12 -3.68
C PHE B 485 0.52 -15.42 -2.89
N GLU B 486 0.19 -14.92 -1.70
CA GLU B 486 1.16 -14.19 -0.91
C GLU B 486 2.29 -15.09 -0.42
N ARG B 487 1.98 -16.35 -0.12
CA ARG B 487 3.04 -17.32 0.20
C ARG B 487 4.11 -17.33 -0.87
N TYR B 488 3.72 -17.60 -2.12
CA TYR B 488 4.71 -17.65 -3.19
C TYR B 488 5.35 -16.30 -3.42
N ASP B 489 4.62 -15.21 -3.21
CA ASP B 489 5.20 -13.91 -3.51
C ASP B 489 6.14 -13.40 -2.42
N ALA B 490 6.11 -13.98 -1.23
CA ALA B 490 6.95 -13.49 -0.15
C ALA B 490 7.93 -14.52 0.37
N GLU B 491 7.48 -15.73 0.73
CA GLU B 491 8.36 -16.70 1.35
C GLU B 491 9.10 -17.56 0.34
N TYR B 492 8.39 -18.18 -0.60
CA TYR B 492 8.98 -19.18 -1.47
C TYR B 492 9.77 -18.58 -2.62
N LYS B 493 9.74 -17.26 -2.81
CA LYS B 493 10.53 -16.62 -3.85
C LYS B 493 11.98 -16.42 -3.45
N LYS B 494 12.42 -17.05 -2.35
CA LYS B 494 13.80 -16.95 -1.91
C LYS B 494 14.43 -18.30 -1.58
N LEU B 495 13.70 -19.40 -1.79
CA LEU B 495 14.24 -20.73 -1.55
C LEU B 495 14.70 -21.42 -2.82
N PHE B 496 14.21 -21.00 -3.99
CA PHE B 496 14.51 -21.67 -5.24
C PHE B 496 15.61 -20.93 -5.99
N MET B 497 16.49 -21.70 -6.62
CA MET B 497 17.69 -21.14 -7.23
C MET B 497 17.34 -20.08 -8.27
N PHE B 498 16.49 -20.42 -9.24
CA PHE B 498 16.20 -19.49 -10.32
C PHE B 498 15.47 -18.24 -9.86
N GLU B 499 15.17 -18.13 -8.56
CA GLU B 499 14.69 -16.89 -7.98
C GLU B 499 15.70 -16.21 -7.08
N ARG B 500 16.54 -16.97 -6.39
CA ARG B 500 17.60 -16.37 -5.58
C ARG B 500 18.65 -15.72 -6.46
N VAL B 501 19.13 -16.44 -7.48
CA VAL B 501 20.09 -15.85 -8.41
C VAL B 501 19.43 -14.73 -9.19
N HIS B 502 18.11 -14.78 -9.36
CA HIS B 502 17.40 -13.65 -9.93
C HIS B 502 17.47 -12.43 -9.01
N HIS B 503 17.37 -12.67 -7.69
CA HIS B 503 17.62 -11.60 -6.74
C HIS B 503 19.07 -11.14 -6.78
N GLY B 504 19.97 -11.97 -7.30
CA GLY B 504 21.33 -11.55 -7.57
C GLY B 504 21.45 -10.95 -8.96
N GLU B 505 20.89 -9.75 -9.14
CA GLU B 505 20.90 -9.12 -10.45
C GLU B 505 22.17 -8.32 -10.67
N GLU B 506 22.54 -7.48 -9.70
CA GLU B 506 23.75 -6.67 -9.78
C GLU B 506 23.73 -5.73 -10.99
N LEU B 507 22.62 -5.03 -11.16
CA LEU B 507 22.47 -4.08 -12.26
C LEU B 507 22.85 -2.70 -11.76
N HIS B 508 23.89 -2.12 -12.37
CA HIS B 508 24.34 -0.80 -11.98
C HIS B 508 23.26 0.24 -12.23
N MET B 509 23.49 1.43 -11.70
CA MET B 509 22.51 2.49 -11.80
C MET B 509 23.01 3.58 -12.75
N PRO B 510 22.24 3.94 -13.76
CA PRO B 510 22.68 4.98 -14.70
C PRO B 510 22.21 6.37 -14.31
N ILE B 511 23.02 7.35 -14.67
CA ILE B 511 22.66 8.75 -14.52
C ILE B 511 22.43 9.33 -15.91
N THR B 512 21.52 10.29 -15.99
CA THR B 512 21.24 10.97 -17.25
C THR B 512 21.15 12.47 -17.00
N VAL B 513 21.35 13.24 -18.05
CA VAL B 513 21.25 14.69 -17.99
C VAL B 513 20.51 15.17 -19.24
N ILE B 514 19.63 16.15 -19.07
CA ILE B 514 18.79 16.65 -20.14
C ILE B 514 18.80 18.17 -20.13
N TRP B 515 18.91 18.78 -21.31
CA TRP B 515 18.91 20.23 -21.45
C TRP B 515 17.77 20.76 -22.32
N GLY B 516 16.84 19.92 -22.73
CA GLY B 516 15.82 20.36 -23.66
C GLY B 516 14.59 20.97 -23.01
N VAL B 517 13.98 20.22 -22.10
CA VAL B 517 12.71 20.61 -21.52
C VAL B 517 12.95 21.13 -20.11
N SER B 518 11.92 21.75 -19.54
CA SER B 518 11.98 22.17 -18.15
C SER B 518 11.06 21.32 -17.31
N PRO B 519 11.43 21.02 -16.06
CA PRO B 519 10.56 20.18 -15.22
C PRO B 519 9.33 20.97 -14.76
N GLU B 520 8.16 20.46 -15.10
CA GLU B 520 6.91 21.10 -14.75
C GLU B 520 5.77 20.10 -14.93
N ASP B 521 4.86 20.08 -13.97
CA ASP B 521 3.68 19.22 -14.03
C ASP B 521 2.45 20.10 -14.26
N ASN B 522 1.50 19.57 -15.03
CA ASN B 522 0.38 20.37 -15.51
C ASN B 522 -0.98 19.81 -15.13
N GLY B 523 -1.14 18.48 -15.13
CA GLY B 523 -2.46 17.90 -15.02
C GLY B 523 -2.90 17.55 -13.61
N ASN B 524 -3.70 18.43 -13.01
CA ASN B 524 -4.34 18.22 -11.70
C ASN B 524 -3.35 17.80 -10.63
N PRO B 525 -2.50 18.69 -10.14
CA PRO B 525 -1.62 18.32 -9.03
C PRO B 525 -2.40 18.10 -7.73
N LEU B 526 -3.22 19.08 -7.35
CA LEU B 526 -3.94 19.06 -6.08
C LEU B 526 -5.25 18.31 -6.22
N ASN B 527 -5.48 17.37 -5.31
CA ASN B 527 -6.57 16.40 -5.42
C ASN B 527 -6.53 15.78 -6.82
N PRO B 528 -5.46 15.07 -7.15
CA PRO B 528 -5.19 14.76 -8.57
C PRO B 528 -6.14 13.77 -9.20
N LYS B 529 -5.89 13.49 -10.48
CA LYS B 529 -6.70 12.60 -11.29
C LYS B 529 -6.00 11.29 -11.63
N SER B 530 -4.68 11.24 -11.47
CA SER B 530 -3.81 10.15 -11.90
C SER B 530 -3.77 10.01 -13.42
N LYS B 531 -4.29 10.99 -14.15
CA LYS B 531 -4.23 11.02 -15.61
C LYS B 531 -3.89 12.43 -16.09
N GLY B 532 -2.96 13.09 -15.41
CA GLY B 532 -2.59 14.43 -15.81
C GLY B 532 -1.12 14.58 -16.12
N LYS B 533 -0.79 14.74 -17.39
CA LYS B 533 0.59 14.91 -17.84
C LYS B 533 0.59 15.79 -19.08
N LEU B 534 1.72 16.46 -19.32
CA LEU B 534 1.91 17.25 -20.53
C LEU B 534 3.38 17.65 -20.63
N THR B 535 3.94 17.55 -21.83
CA THR B 535 5.30 17.99 -22.09
C THR B 535 5.31 19.45 -22.53
N LEU B 536 6.50 20.03 -22.56
CA LEU B 536 6.67 21.44 -22.90
C LEU B 536 8.08 21.64 -23.45
N ASP B 537 8.48 22.91 -23.56
CA ASP B 537 9.78 23.25 -24.11
C ASP B 537 10.45 24.37 -23.32
N SER B 538 11.59 24.84 -23.80
CA SER B 538 12.33 25.94 -23.21
C SER B 538 12.91 26.79 -24.34
N SER B 539 13.84 27.67 -24.00
CA SER B 539 14.49 28.56 -24.98
C SER B 539 15.99 28.55 -24.71
N PHE B 540 16.70 27.66 -25.38
CA PHE B 540 18.16 27.58 -25.28
C PHE B 540 18.74 27.33 -26.66
N ASN B 541 20.01 27.66 -26.83
CA ASN B 541 20.74 27.45 -28.07
C ASN B 541 21.99 26.65 -27.80
N ILE B 542 22.24 25.64 -28.64
CA ILE B 542 23.49 24.88 -28.57
C ILE B 542 24.48 25.29 -29.65
N ALA B 543 24.06 26.15 -30.58
CA ALA B 543 24.94 26.57 -31.66
C ALA B 543 26.10 27.43 -31.17
N SER B 544 25.99 28.02 -29.99
CA SER B 544 27.07 28.81 -29.45
C SER B 544 28.30 27.92 -29.24
N PRO B 545 29.44 28.23 -29.85
CA PRO B 545 30.63 27.38 -29.66
C PRO B 545 31.07 27.27 -28.23
N ALA B 546 30.88 28.33 -27.43
CA ALA B 546 31.19 28.26 -26.01
C ALA B 546 30.41 27.15 -25.34
N SER B 547 29.14 26.98 -25.71
CA SER B 547 28.34 25.90 -25.14
C SER B 547 28.89 24.53 -25.52
N GLN B 548 29.38 24.39 -26.76
CA GLN B 548 30.00 23.13 -27.17
C GLN B 548 31.23 22.84 -26.32
N ALA B 549 32.14 23.80 -26.22
CA ALA B 549 33.34 23.62 -25.40
C ALA B 549 32.96 23.30 -23.96
N TRP B 550 31.92 23.95 -23.43
CA TRP B 550 31.52 23.72 -22.06
C TRP B 550 30.95 22.32 -21.87
N ILE B 551 30.19 21.83 -22.85
CA ILE B 551 29.68 20.46 -22.75
C ILE B 551 30.84 19.48 -22.76
N LEU B 552 31.82 19.71 -23.64
CA LEU B 552 32.98 18.81 -23.69
C LEU B 552 33.73 18.83 -22.37
N HIS B 553 33.89 20.01 -21.78
CA HIS B 553 34.56 20.12 -20.49
C HIS B 553 33.75 19.41 -19.40
N PHE B 554 32.43 19.56 -19.43
CA PHE B 554 31.56 18.87 -18.47
C PHE B 554 31.77 17.37 -18.56
N CYS B 555 31.79 16.82 -19.77
CA CYS B 555 31.97 15.38 -19.92
C CYS B 555 33.34 14.95 -19.41
N GLN B 556 34.41 15.64 -19.83
CA GLN B 556 35.73 15.30 -19.32
C GLN B 556 35.80 15.33 -17.80
N LYS B 557 35.19 16.36 -17.19
CA LYS B 557 35.19 16.46 -15.73
C LYS B 557 34.43 15.30 -15.10
N LEU B 558 33.23 15.00 -15.61
CA LEU B 558 32.43 13.94 -15.03
C LEU B 558 33.10 12.58 -15.18
N ARG B 559 33.96 12.42 -16.19
CA ARG B 559 34.71 11.18 -16.33
C ARG B 559 35.79 11.03 -15.27
N ASN B 560 35.96 12.02 -14.38
CA ASN B 560 37.00 12.01 -13.37
C ASN B 560 36.53 11.62 -11.99
N GLN B 561 35.27 11.88 -11.65
CA GLN B 561 34.80 11.76 -10.27
C GLN B 561 34.80 10.31 -9.81
N THR B 562 34.42 10.11 -8.54
CA THR B 562 34.49 8.79 -7.94
C THR B 562 33.28 7.93 -8.28
N PHE B 563 32.11 8.55 -8.49
CA PHE B 563 30.91 7.79 -8.81
C PHE B 563 30.83 7.48 -10.29
N PHE B 564 31.91 6.92 -10.85
CA PHE B 564 31.98 6.61 -12.25
C PHE B 564 32.40 5.15 -12.43
N TYR B 565 32.03 4.57 -13.57
CA TYR B 565 32.30 3.17 -13.86
C TYR B 565 32.75 3.05 -15.31
N GLN B 566 33.96 2.57 -15.51
CA GLN B 566 34.53 2.47 -16.85
C GLN B 566 34.12 1.16 -17.51
N THR B 567 33.70 1.25 -18.77
CA THR B 567 33.29 0.08 -19.54
C THR B 567 34.08 -0.08 -20.83
N ASP B 568 34.57 1.01 -21.41
CA ASP B 568 35.37 1.01 -22.63
C ASP B 568 34.67 0.29 -23.80
N GLU B 569 33.35 0.17 -23.75
CA GLU B 569 32.61 -0.51 -24.81
C GLU B 569 31.53 0.34 -25.46
N GLN B 570 30.99 1.34 -24.77
CA GLN B 570 29.93 2.19 -25.30
C GLN B 570 30.53 3.29 -26.15
N ASP B 571 30.13 3.34 -27.42
CA ASP B 571 30.57 4.37 -28.35
C ASP B 571 29.56 5.51 -28.47
N PHE B 572 28.31 5.20 -28.80
CA PHE B 572 27.30 6.24 -28.94
C PHE B 572 26.45 6.37 -27.68
N THR B 573 26.41 5.34 -26.85
CA THR B 573 25.58 5.35 -25.64
C THR B 573 26.27 6.15 -24.53
N SER B 574 26.64 7.37 -24.89
CA SER B 574 27.33 8.30 -24.01
C SER B 574 27.22 9.68 -24.65
N CYS B 575 28.04 10.62 -24.16
CA CYS B 575 28.18 11.91 -24.82
C CYS B 575 28.30 11.74 -26.33
N PHE B 576 27.41 12.42 -27.06
CA PHE B 576 27.46 12.35 -28.52
C PHE B 576 28.54 13.25 -29.09
N ILE B 577 28.87 14.33 -28.38
CA ILE B 577 29.84 15.29 -28.91
C ILE B 577 31.22 14.66 -29.05
N GLU B 578 31.59 13.80 -28.10
CA GLU B 578 32.92 13.17 -28.15
C GLU B 578 33.06 12.31 -29.41
N THR B 579 32.15 11.36 -29.60
CA THR B 579 32.24 10.48 -30.76
C THR B 579 31.99 11.24 -32.06
N PHE B 580 31.21 12.32 -32.00
CA PHE B 580 31.03 13.16 -33.18
C PHE B 580 32.35 13.82 -33.58
N LYS B 581 33.02 14.45 -32.61
CA LYS B 581 34.32 15.06 -32.89
C LYS B 581 35.31 14.02 -33.42
N GLN B 582 35.35 12.84 -32.80
CA GLN B 582 36.23 11.79 -33.28
C GLN B 582 35.86 11.36 -34.69
N TRP B 583 34.57 11.41 -35.04
CA TRP B 583 34.15 10.99 -36.38
C TRP B 583 34.50 12.03 -37.43
N MET B 584 34.58 13.31 -37.04
CA MET B 584 34.87 14.37 -38.00
C MET B 584 36.38 14.66 -38.01
N GLU B 585 37.11 13.69 -38.56
CA GLU B 585 38.54 13.85 -38.84
C GLU B 585 38.86 13.62 -40.30
N ASN B 586 37.87 13.26 -41.11
CA ASN B 586 38.08 12.97 -42.52
C ASN B 586 38.38 14.26 -43.29
N GLN B 587 38.49 14.14 -44.61
CA GLN B 587 38.79 15.28 -45.46
C GLN B 587 38.22 15.05 -46.85
N ASP B 588 38.05 16.15 -47.59
CA ASP B 588 37.59 16.13 -48.98
C ASP B 588 36.21 15.46 -49.12
N CYS B 589 35.23 16.10 -48.48
CA CYS B 589 33.84 15.62 -48.57
C CYS B 589 32.87 16.78 -48.37
N CYS B 597 29.32 20.62 -46.70
CA CYS B 597 30.62 19.97 -46.78
C CYS B 597 31.63 20.67 -45.90
N CYS B 598 32.30 19.90 -45.04
CA CYS B 598 33.29 20.44 -44.12
C CYS B 598 34.10 19.31 -43.53
N SER B 599 35.34 19.61 -43.16
CA SER B 599 36.25 18.61 -42.61
C SER B 599 37.50 19.31 -42.10
N HIS B 600 38.11 18.71 -41.08
CA HIS B 600 39.40 19.13 -40.54
C HIS B 600 39.35 20.58 -40.04
N TRP B 601 38.52 20.79 -39.02
CA TRP B 601 38.38 22.08 -38.37
C TRP B 601 38.74 21.96 -36.90
N SER B 602 38.57 23.07 -36.17
CA SER B 602 38.85 23.09 -34.75
C SER B 602 37.64 22.56 -33.98
N PHE B 603 37.70 22.68 -32.64
CA PHE B 603 36.60 22.20 -31.81
C PHE B 603 35.41 23.15 -31.82
N PRO B 604 35.56 24.45 -31.54
CA PRO B 604 34.40 25.34 -31.58
C PRO B 604 34.04 25.82 -32.98
N TYR B 605 33.26 25.03 -33.72
CA TYR B 605 32.91 25.38 -35.09
C TYR B 605 32.03 26.64 -35.11
N LYS B 606 31.71 27.09 -36.33
CA LYS B 606 30.93 28.30 -36.54
C LYS B 606 29.43 28.02 -36.62
N GLN B 607 29.00 26.82 -36.21
CA GLN B 607 27.63 26.39 -35.96
C GLN B 607 26.81 26.25 -37.23
N GLU B 608 27.29 26.82 -38.34
CA GLU B 608 26.64 26.57 -39.61
C GLU B 608 27.12 25.25 -40.19
N ILE B 609 28.37 24.90 -39.92
CA ILE B 609 28.83 23.54 -40.13
C ILE B 609 28.16 22.60 -39.14
N PHE B 610 28.02 23.04 -37.89
CA PHE B 610 27.57 22.14 -36.82
C PHE B 610 26.13 21.68 -37.03
N GLU B 611 25.22 22.62 -37.27
CA GLU B 611 23.80 22.27 -37.35
C GLU B 611 23.53 21.28 -38.48
N LEU B 612 24.26 21.40 -39.59
CA LEU B 612 24.06 20.49 -40.71
C LEU B 612 24.83 19.18 -40.53
N CYS B 613 26.02 19.25 -39.93
CA CYS B 613 26.85 18.06 -39.83
C CYS B 613 26.39 17.10 -38.74
N ILE B 614 25.64 17.56 -37.74
CA ILE B 614 25.02 16.60 -36.82
C ILE B 614 24.14 15.63 -37.60
N LYS B 615 23.27 16.15 -38.46
CA LYS B 615 22.40 15.29 -39.27
C LYS B 615 23.21 14.52 -40.31
N ARG B 616 24.22 15.17 -40.90
CA ARG B 616 25.09 14.47 -41.83
C ARG B 616 25.81 13.30 -41.17
N ALA B 617 26.08 13.40 -39.87
CA ALA B 617 26.91 12.43 -39.18
C ALA B 617 26.10 11.27 -38.62
N ILE B 618 24.93 11.56 -38.05
CA ILE B 618 24.19 10.48 -37.38
C ILE B 618 23.66 9.46 -38.38
N MET B 619 23.37 9.88 -39.62
CA MET B 619 22.85 8.94 -40.61
C MET B 619 23.90 7.92 -41.03
N GLU B 620 25.17 8.16 -40.69
CA GLU B 620 26.19 7.14 -40.91
C GLU B 620 26.69 6.56 -39.59
N LEU B 621 26.47 7.28 -38.49
CA LEU B 621 26.75 6.70 -37.17
C LEU B 621 25.83 5.53 -36.88
N GLU B 622 24.62 5.57 -37.47
CA GLU B 622 23.73 4.42 -37.34
C GLU B 622 24.26 3.21 -38.10
N ARG B 623 25.14 3.43 -39.08
CA ARG B 623 25.59 2.34 -39.93
C ARG B 623 26.52 1.39 -39.20
N SER B 624 27.54 1.92 -38.53
CA SER B 624 28.63 1.10 -38.01
C SER B 624 28.13 0.07 -37.01
N THR B 625 27.63 0.53 -35.87
CA THR B 625 27.12 -0.36 -34.84
C THR B 625 25.91 0.29 -34.19
N GLY B 626 25.24 -0.44 -33.30
CA GLY B 626 24.00 0.03 -32.71
C GLY B 626 23.00 0.43 -33.78
N TYR B 627 22.58 -0.54 -34.60
CA TYR B 627 21.74 -0.24 -35.74
C TYR B 627 20.38 0.30 -35.33
N HIS B 628 20.00 0.11 -34.06
CA HIS B 628 18.70 0.53 -33.58
C HIS B 628 18.87 1.42 -32.35
N LEU B 629 18.01 2.43 -32.25
CA LEU B 629 17.98 3.35 -31.11
C LEU B 629 16.54 3.79 -30.92
N ASP B 630 15.99 3.57 -29.72
CA ASP B 630 14.55 3.69 -29.48
C ASP B 630 14.26 4.55 -28.26
N SER B 631 14.20 5.86 -28.48
CA SER B 631 13.55 6.82 -27.58
C SER B 631 14.15 6.85 -26.17
N LYS B 632 15.20 6.09 -25.92
CA LYS B 632 15.89 6.13 -24.64
C LYS B 632 17.40 6.03 -24.86
N THR B 633 17.86 6.52 -26.01
CA THR B 633 19.24 6.48 -26.41
C THR B 633 19.86 7.87 -26.26
N PRO B 634 21.10 7.97 -25.79
CA PRO B 634 21.71 9.28 -25.54
C PRO B 634 21.82 10.19 -26.76
N GLY B 635 21.36 9.76 -27.92
CA GLY B 635 21.36 10.61 -29.09
C GLY B 635 20.52 11.87 -28.86
N PRO B 636 20.92 12.97 -29.48
CA PRO B 636 20.16 14.21 -29.32
C PRO B 636 18.79 14.11 -29.96
N ARG B 637 17.90 14.99 -29.55
CA ARG B 637 16.52 14.98 -30.02
C ARG B 637 16.28 16.07 -31.04
N PHE B 638 15.33 15.81 -31.94
CA PHE B 638 14.99 16.73 -33.01
C PHE B 638 13.51 17.14 -32.88
N ASP B 639 13.02 17.84 -33.89
CA ASP B 639 11.66 18.39 -33.88
C ASP B 639 11.03 18.12 -35.25
N ILE B 640 9.84 18.67 -35.47
CA ILE B 640 9.23 18.66 -36.80
C ILE B 640 10.19 19.31 -37.79
N ASN B 641 10.54 20.58 -37.54
CA ASN B 641 11.71 21.14 -38.19
C ASN B 641 12.96 20.42 -37.67
N ASP B 642 13.94 20.25 -38.55
CA ASP B 642 15.08 19.40 -38.22
C ASP B 642 16.06 20.03 -37.24
N THR B 643 15.72 21.16 -36.62
CA THR B 643 16.58 21.74 -35.60
C THR B 643 16.61 20.85 -34.36
N ILE B 644 17.55 21.14 -33.47
CA ILE B 644 17.70 20.38 -32.23
C ILE B 644 16.92 21.07 -31.11
N ARG B 645 16.21 20.28 -30.32
CA ARG B 645 15.44 20.81 -29.20
C ARG B 645 15.86 20.24 -27.85
N ALA B 646 16.21 18.96 -27.78
CA ALA B 646 16.57 18.33 -26.52
C ALA B 646 17.87 17.57 -26.68
N VAL B 647 18.78 17.77 -25.72
CA VAL B 647 20.06 17.06 -25.67
C VAL B 647 20.08 16.24 -24.39
N VAL B 648 20.42 14.96 -24.52
CA VAL B 648 20.39 14.03 -23.39
C VAL B 648 21.68 13.23 -23.37
N LEU B 649 22.45 13.37 -22.29
CA LEU B 649 23.63 12.56 -22.06
C LEU B 649 23.34 11.50 -21.02
N GLU B 650 24.19 10.47 -21.00
CA GLU B 650 23.97 9.33 -20.12
C GLU B 650 25.30 8.73 -19.73
N PHE B 651 25.37 8.23 -18.50
CA PHE B 651 26.58 7.60 -17.98
C PHE B 651 26.20 6.49 -17.02
N GLN B 652 27.12 5.57 -16.81
CA GLN B 652 26.95 4.54 -15.80
C GLN B 652 27.52 5.04 -14.48
N SER B 653 27.45 4.21 -13.45
CA SER B 653 27.95 4.58 -12.13
C SER B 653 28.34 3.33 -11.36
N THR B 654 28.97 3.55 -10.21
CA THR B 654 29.50 2.46 -9.40
C THR B 654 28.53 1.97 -8.33
N TYR B 655 27.60 2.81 -7.89
CA TYR B 655 26.61 2.37 -6.92
C TYR B 655 25.67 1.37 -7.55
N LEU B 656 25.42 0.26 -6.86
CA LEU B 656 24.55 -0.77 -7.37
C LEU B 656 23.10 -0.48 -6.99
N PHE B 657 22.18 -0.94 -7.83
CA PHE B 657 20.76 -0.73 -7.58
C PHE B 657 20.30 -1.61 -6.44
N THR B 658 19.50 -1.05 -5.54
CA THR B 658 19.02 -1.76 -4.37
C THR B 658 17.63 -1.23 -4.01
N LEU B 659 17.16 -1.58 -2.81
CA LEU B 659 15.88 -1.11 -2.33
C LEU B 659 15.97 -0.44 -0.96
N ALA B 660 17.14 -0.46 -0.32
CA ALA B 660 17.30 0.23 0.94
C ALA B 660 17.18 1.74 0.76
N TYR B 661 17.17 2.45 1.87
CA TYR B 661 16.96 3.90 1.84
C TYR B 661 18.24 4.70 1.95
N GLU B 662 19.15 4.31 2.85
CA GLU B 662 20.35 5.12 3.09
C GLU B 662 21.27 5.11 1.88
N LYS B 663 21.45 3.95 1.24
CA LYS B 663 22.33 3.87 0.08
C LYS B 663 21.85 4.78 -1.04
N MET B 664 20.58 4.63 -1.43
CA MET B 664 20.03 5.44 -2.50
C MET B 664 20.02 6.92 -2.14
N HIS B 665 19.76 7.23 -0.86
CA HIS B 665 19.77 8.61 -0.43
C HIS B 665 21.17 9.21 -0.57
N GLN B 666 22.20 8.47 -0.15
CA GLN B 666 23.57 8.93 -0.31
C GLN B 666 23.88 9.17 -1.78
N PHE B 667 23.55 8.20 -2.63
CA PHE B 667 23.77 8.35 -4.07
C PHE B 667 23.15 9.63 -4.60
N TYR B 668 21.84 9.77 -4.41
CA TYR B 668 21.13 10.93 -4.95
C TYR B 668 21.71 12.22 -4.40
N LYS B 669 21.93 12.28 -3.08
CA LYS B 669 22.36 13.54 -2.48
C LYS B 669 23.72 13.95 -2.99
N GLU B 670 24.70 13.06 -2.96
CA GLU B 670 26.05 13.44 -3.38
C GLU B 670 26.09 13.75 -4.87
N VAL B 671 25.38 12.97 -5.69
CA VAL B 671 25.50 13.17 -7.13
C VAL B 671 24.79 14.45 -7.55
N ASP B 672 23.63 14.73 -6.95
CA ASP B 672 22.95 15.99 -7.25
C ASP B 672 23.73 17.19 -6.71
N SER B 673 24.36 17.04 -5.54
CA SER B 673 25.22 18.11 -5.04
C SER B 673 26.34 18.42 -6.02
N TRP B 674 26.92 17.38 -6.63
CA TRP B 674 27.96 17.64 -7.62
C TRP B 674 27.39 18.26 -8.89
N ILE B 675 26.27 17.73 -9.38
CA ILE B 675 25.69 18.22 -10.64
C ILE B 675 25.23 19.67 -10.50
N SER B 676 24.90 20.09 -9.28
CA SER B 676 24.50 21.48 -9.05
C SER B 676 25.58 22.48 -9.46
N SER B 677 26.81 22.03 -9.69
CA SER B 677 27.89 22.90 -10.15
C SER B 677 27.71 23.10 -11.65
N GLU B 678 27.01 24.17 -12.02
CA GLU B 678 26.78 24.48 -13.42
C GLU B 678 27.56 25.70 -13.86
N LEU B 679 27.34 26.86 -13.24
CA LEU B 679 28.08 28.10 -13.48
C LEU B 679 28.40 28.31 -14.96
N SER B 680 27.45 28.00 -15.84
CA SER B 680 27.71 27.92 -17.26
C SER B 680 27.24 29.18 -17.98
N SER B 681 27.32 29.15 -19.31
CA SER B 681 26.86 30.24 -20.15
C SER B 681 25.39 30.52 -19.90
N ALA B 682 24.93 31.69 -20.37
CA ALA B 682 23.54 32.07 -20.21
C ALA B 682 22.57 31.04 -20.78
N PRO B 683 22.73 30.53 -22.01
CA PRO B 683 21.91 29.41 -22.44
C PRO B 683 22.31 28.13 -21.73
N GLU B 684 21.37 27.19 -21.71
CA GLU B 684 21.55 25.86 -21.11
C GLU B 684 21.97 25.93 -19.64
N GLY B 685 21.88 27.11 -19.03
CA GLY B 685 22.05 27.26 -17.61
C GLY B 685 20.69 27.31 -16.94
N LEU B 686 19.73 27.90 -17.65
CA LEU B 686 18.32 27.75 -17.31
C LEU B 686 17.84 26.41 -17.84
N SER B 687 16.87 25.82 -17.12
CA SER B 687 16.40 24.46 -17.41
C SER B 687 17.56 23.47 -17.43
N ASN B 688 18.60 23.76 -16.66
CA ASN B 688 19.80 22.94 -16.62
C ASN B 688 19.71 21.87 -15.55
N GLY B 689 19.13 22.19 -14.39
CA GLY B 689 19.27 21.38 -13.20
C GLY B 689 18.51 20.07 -13.30
N TRP B 690 19.02 19.19 -14.16
CA TRP B 690 18.37 17.93 -14.50
C TRP B 690 19.21 16.75 -14.06
N PHE B 691 18.52 15.74 -13.53
CA PHE B 691 19.12 14.48 -13.12
C PHE B 691 18.00 13.49 -12.87
N VAL B 692 18.09 12.29 -13.43
CA VAL B 692 17.02 11.32 -13.25
C VAL B 692 17.57 9.92 -13.49
N SER B 693 17.30 9.02 -12.55
CA SER B 693 17.67 7.63 -12.68
C SER B 693 16.44 6.77 -12.45
N ASN B 694 16.61 5.46 -12.34
CA ASN B 694 15.48 4.56 -12.09
C ASN B 694 15.23 4.46 -10.59
N LEU B 695 15.00 5.62 -9.98
CA LEU B 695 14.74 5.74 -8.55
C LEU B 695 13.35 6.32 -8.32
N GLU B 696 12.36 5.43 -8.23
CA GLU B 696 11.00 5.84 -7.90
C GLU B 696 10.61 5.35 -6.51
N PHE B 697 10.98 4.11 -6.19
CA PHE B 697 10.76 3.59 -4.84
C PHE B 697 11.31 4.53 -3.79
N TYR B 698 12.49 5.12 -4.04
CA TYR B 698 13.05 6.07 -3.10
C TYR B 698 12.14 7.29 -2.96
N ASP B 699 11.53 7.72 -4.06
CA ASP B 699 10.59 8.85 -4.01
C ASP B 699 9.40 8.50 -3.12
N LEU B 700 8.81 7.33 -3.32
CA LEU B 700 7.70 6.89 -2.48
C LEU B 700 8.10 6.89 -1.00
N GLN B 701 9.27 6.32 -0.71
CA GLN B 701 9.71 6.20 0.69
C GLN B 701 9.90 7.58 1.31
N ASP B 702 10.55 8.49 0.60
CA ASP B 702 10.76 9.83 1.13
C ASP B 702 9.43 10.55 1.37
N SER B 703 8.49 10.41 0.43
CA SER B 703 7.21 11.10 0.58
C SER B 703 6.45 10.57 1.79
N LEU B 704 6.49 9.26 2.00
CA LEU B 704 5.90 8.69 3.21
C LEU B 704 6.55 9.25 4.47
N SER B 705 7.89 9.17 4.52
CA SER B 705 8.63 9.57 5.71
C SER B 705 8.45 11.05 6.04
N ASP B 706 8.07 11.87 5.07
CA ASP B 706 7.80 13.26 5.43
C ASP B 706 6.34 13.52 5.73
N GLY B 707 5.43 12.92 4.95
CA GLY B 707 4.01 13.15 5.16
C GLY B 707 3.54 12.69 6.52
N THR B 708 4.02 11.52 6.97
CA THR B 708 3.57 11.00 8.26
C THR B 708 3.92 11.97 9.39
N LEU B 709 5.15 12.48 9.39
CA LEU B 709 5.57 13.37 10.47
C LEU B 709 4.84 14.70 10.40
N ILE B 710 4.67 15.27 9.21
CA ILE B 710 3.97 16.55 9.13
C ILE B 710 2.53 16.39 9.61
N ALA B 711 1.87 15.30 9.22
CA ALA B 711 0.50 15.07 9.65
C ALA B 711 0.42 14.90 11.17
N MET B 712 1.33 14.11 11.75
CA MET B 712 1.36 13.96 13.20
C MET B 712 1.52 15.30 13.89
N GLY B 713 2.44 16.14 13.40
CA GLY B 713 2.64 17.44 14.02
C GLY B 713 1.38 18.29 13.99
N LEU B 714 0.81 18.46 12.80
CA LEU B 714 -0.40 19.28 12.68
C LEU B 714 -1.51 18.76 13.60
N SER B 715 -1.74 17.44 13.60
CA SER B 715 -2.86 16.90 14.35
C SER B 715 -2.64 17.04 15.85
N VAL B 716 -1.41 16.81 16.32
CA VAL B 716 -1.20 16.96 17.75
C VAL B 716 -1.30 18.43 18.16
N ALA B 717 -0.91 19.35 17.28
CA ALA B 717 -1.08 20.76 17.60
C ALA B 717 -2.56 21.12 17.76
N VAL B 718 -3.38 20.69 16.80
CA VAL B 718 -4.82 20.97 16.90
C VAL B 718 -5.41 20.32 18.14
N ALA B 719 -4.98 19.10 18.47
CA ALA B 719 -5.52 18.40 19.63
C ALA B 719 -5.20 19.17 20.91
N PHE B 720 -3.94 19.58 21.08
CA PHE B 720 -3.57 20.31 22.30
C PHE B 720 -4.31 21.64 22.39
N SER B 721 -4.42 22.35 21.25
CA SER B 721 -5.14 23.61 21.26
C SER B 721 -6.59 23.44 21.70
N VAL B 722 -7.27 22.42 21.15
CA VAL B 722 -8.68 22.21 21.48
C VAL B 722 -8.82 21.81 22.94
N MET B 723 -7.95 20.93 23.44
CA MET B 723 -8.03 20.53 24.84
C MET B 723 -7.84 21.73 25.76
N LEU B 724 -6.85 22.58 25.47
CA LEU B 724 -6.62 23.76 26.28
C LEU B 724 -7.83 24.70 26.24
N LEU B 725 -8.39 24.93 25.05
CA LEU B 725 -9.50 25.87 24.95
C LEU B 725 -10.75 25.34 25.62
N THR B 726 -10.93 24.01 25.68
CA THR B 726 -12.12 23.46 26.30
C THR B 726 -11.98 23.23 27.79
N THR B 727 -10.77 23.10 28.31
CA THR B 727 -10.61 22.85 29.74
C THR B 727 -10.58 24.13 30.57
N TRP B 728 -9.81 25.13 30.13
CA TRP B 728 -9.60 26.37 30.89
C TRP B 728 -8.93 26.10 32.23
N ASN B 729 -7.97 25.19 32.22
CA ASN B 729 -7.16 24.90 33.41
C ASN B 729 -5.90 24.21 32.94
N ILE B 730 -4.74 24.83 33.19
CA ILE B 730 -3.52 24.42 32.51
C ILE B 730 -3.06 23.05 32.99
N ILE B 731 -3.21 22.76 34.28
CA ILE B 731 -2.73 21.48 34.80
C ILE B 731 -3.49 20.31 34.19
N ILE B 732 -4.80 20.48 34.01
CA ILE B 732 -5.58 19.43 33.37
C ILE B 732 -5.16 19.26 31.91
N SER B 733 -4.81 20.36 31.25
CA SER B 733 -4.30 20.25 29.88
C SER B 733 -2.99 19.48 29.85
N LEU B 734 -2.11 19.72 30.82
CA LEU B 734 -0.86 18.97 30.88
C LEU B 734 -1.12 17.49 31.09
N TYR B 735 -2.04 17.15 32.00
CA TYR B 735 -2.37 15.75 32.24
C TYR B 735 -2.95 15.10 30.98
N ALA B 736 -3.82 15.81 30.26
CA ALA B 736 -4.39 15.27 29.04
C ALA B 736 -3.32 15.05 27.98
N ILE B 737 -2.39 16.00 27.86
CA ILE B 737 -1.30 15.84 26.89
C ILE B 737 -0.44 14.64 27.24
N ILE B 738 -0.15 14.45 28.53
CA ILE B 738 0.64 13.30 28.94
C ILE B 738 -0.09 12.00 28.61
N SER B 739 -1.41 11.97 28.84
CA SER B 739 -2.16 10.75 28.54
C SER B 739 -2.21 10.47 27.04
N ILE B 740 -2.37 11.52 26.23
CA ILE B 740 -2.36 11.35 24.77
C ILE B 740 -1.03 10.80 24.32
N ALA B 741 0.07 11.39 24.81
CA ALA B 741 1.39 10.89 24.44
C ALA B 741 1.56 9.43 24.86
N GLY B 742 1.12 9.09 26.07
CA GLY B 742 1.23 7.72 26.53
C GLY B 742 0.50 6.75 25.62
N THR B 743 -0.76 7.05 25.30
CA THR B 743 -1.54 6.11 24.50
C THR B 743 -1.00 6.01 23.07
N ILE B 744 -0.55 7.13 22.50
CA ILE B 744 0.06 7.10 21.18
C ILE B 744 1.30 6.20 21.18
N PHE B 745 2.19 6.42 22.15
CA PHE B 745 3.42 5.65 22.18
C PHE B 745 3.14 4.17 22.39
N VAL B 746 2.18 3.84 23.27
CA VAL B 746 1.91 2.43 23.53
C VAL B 746 1.30 1.76 22.31
N THR B 747 0.36 2.42 21.63
CA THR B 747 -0.27 1.76 20.49
C THR B 747 0.70 1.62 19.32
N VAL B 748 1.52 2.64 19.06
CA VAL B 748 2.47 2.54 17.97
C VAL B 748 3.55 1.50 18.30
N GLY B 749 3.93 1.42 19.57
CA GLY B 749 4.91 0.40 19.96
C GLY B 749 4.37 -1.00 19.82
N SER B 750 3.11 -1.22 20.21
CA SER B 750 2.55 -2.55 20.03
C SER B 750 2.38 -2.88 18.56
N LEU B 751 2.04 -1.89 17.73
CA LEU B 751 1.94 -2.13 16.30
C LEU B 751 3.28 -2.53 15.71
N VAL B 752 4.35 -1.80 16.05
CA VAL B 752 5.66 -2.13 15.49
C VAL B 752 6.17 -3.46 16.05
N LEU B 753 5.86 -3.77 17.31
CA LEU B 753 6.31 -5.04 17.87
C LEU B 753 5.62 -6.20 17.17
N LEU B 754 4.30 -6.09 16.97
CA LEU B 754 3.59 -7.12 16.23
C LEU B 754 4.16 -7.30 14.83
N GLY B 755 4.75 -6.25 14.28
CA GLY B 755 5.44 -6.30 13.00
C GLY B 755 4.62 -5.73 11.86
N TRP B 756 4.85 -4.46 11.55
CA TRP B 756 4.09 -3.74 10.54
C TRP B 756 5.03 -2.80 9.79
N GLU B 757 4.84 -2.70 8.49
CA GLU B 757 5.57 -1.74 7.68
C GLU B 757 4.75 -0.45 7.57
N LEU B 758 5.14 0.44 6.68
CA LEU B 758 4.39 1.67 6.40
C LEU B 758 4.10 1.70 4.90
N ASN B 759 3.02 1.03 4.48
CA ASN B 759 2.77 0.98 3.05
C ASN B 759 2.02 2.21 2.56
N VAL B 760 0.71 2.27 2.82
CA VAL B 760 -0.08 3.49 2.66
C VAL B 760 -1.10 3.61 3.78
N LEU B 761 -1.38 2.50 4.47
CA LEU B 761 -2.44 2.51 5.48
C LEU B 761 -1.93 3.09 6.80
N GLU B 762 -0.83 2.55 7.31
CA GLU B 762 -0.29 3.03 8.57
C GLU B 762 0.07 4.51 8.48
N SER B 763 0.36 5.01 7.28
CA SER B 763 0.59 6.44 7.11
C SER B 763 -0.64 7.27 7.47
N VAL B 764 -1.82 6.67 7.47
CA VAL B 764 -3.04 7.36 7.89
C VAL B 764 -3.37 6.98 9.32
N THR B 765 -3.09 5.72 9.66
CA THR B 765 -3.40 5.22 10.99
C THR B 765 -2.63 5.97 12.07
N ILE B 766 -1.37 6.29 11.81
CA ILE B 766 -0.54 6.98 12.80
C ILE B 766 -1.13 8.34 13.14
N SER B 767 -1.81 8.98 12.18
CA SER B 767 -2.44 10.26 12.45
C SER B 767 -3.83 10.10 13.03
N VAL B 768 -4.58 9.09 12.59
CA VAL B 768 -5.92 8.85 13.12
C VAL B 768 -5.87 8.50 14.60
N ALA B 769 -4.81 7.85 15.06
CA ALA B 769 -4.75 7.42 16.45
C ALA B 769 -4.71 8.62 17.40
N VAL B 770 -3.92 9.64 17.08
CA VAL B 770 -3.82 10.80 17.95
C VAL B 770 -5.05 11.70 17.87
N GLY B 771 -5.94 11.45 16.91
CA GLY B 771 -7.21 12.15 16.87
C GLY B 771 -8.26 11.39 17.64
N LEU B 772 -8.20 10.06 17.59
CA LEU B 772 -9.15 9.23 18.32
C LEU B 772 -8.79 9.07 19.79
N SER B 773 -7.59 9.49 20.20
CA SER B 773 -7.22 9.37 21.61
C SER B 773 -8.01 10.33 22.48
N VAL B 774 -7.92 11.64 22.19
CA VAL B 774 -8.44 12.68 23.06
C VAL B 774 -9.95 12.59 23.27
N ASN B 775 -10.64 11.72 22.53
CA ASN B 775 -12.09 11.60 22.63
C ASN B 775 -12.54 11.38 24.06
N PHE B 776 -11.79 10.61 24.83
CA PHE B 776 -12.16 10.33 26.21
C PHE B 776 -11.58 11.34 27.19
N ALA B 777 -10.39 11.85 26.90
CA ALA B 777 -9.79 12.85 27.78
C ALA B 777 -10.64 14.10 27.85
N VAL B 778 -11.21 14.54 26.72
CA VAL B 778 -12.05 15.73 26.72
C VAL B 778 -13.26 15.53 27.63
N HIS B 779 -13.93 14.38 27.50
CA HIS B 779 -15.10 14.11 28.31
C HIS B 779 -14.75 14.07 29.80
N TYR B 780 -13.70 13.31 30.14
CA TYR B 780 -13.32 13.20 31.54
C TYR B 780 -12.86 14.54 32.11
N GLY B 781 -12.32 15.42 31.28
CA GLY B 781 -11.87 16.71 31.75
C GLY B 781 -13.00 17.69 31.95
N VAL B 782 -13.97 17.68 31.03
CA VAL B 782 -15.14 18.59 31.14
C VAL B 782 -15.97 18.17 32.36
N ALA B 783 -16.22 16.87 32.51
CA ALA B 783 -17.02 16.31 33.63
C ALA B 783 -16.34 16.58 34.98
N TYR B 784 -15.01 16.48 35.03
CA TYR B 784 -14.27 16.70 36.30
C TYR B 784 -14.50 18.14 36.79
N ARG B 785 -14.50 19.09 35.85
CA ARG B 785 -14.73 20.53 36.16
C ARG B 785 -16.24 20.77 36.39
N LEU B 786 -16.59 21.90 37.02
CA LEU B 786 -17.99 22.29 37.30
C LEU B 786 -18.71 21.23 38.15
N ALA B 787 -17.99 20.64 39.11
CA ALA B 787 -18.58 19.62 40.02
C ALA B 787 -18.80 20.26 41.39
N PRO B 788 -20.00 20.10 42.02
CA PRO B 788 -20.28 20.72 43.32
C PRO B 788 -19.51 20.11 44.49
N ASP B 789 -18.18 20.14 44.44
CA ASP B 789 -17.35 19.62 45.51
C ASP B 789 -15.93 20.17 45.37
N PRO B 790 -15.43 20.90 46.36
CA PRO B 790 -14.12 21.56 46.18
C PRO B 790 -12.92 20.64 46.37
N ASP B 791 -13.01 19.63 47.24
CA ASP B 791 -11.83 18.88 47.62
C ASP B 791 -11.32 18.02 46.45
N ARG B 792 -10.12 17.47 46.64
CA ARG B 792 -9.44 16.77 45.56
C ARG B 792 -9.99 15.36 45.35
N GLU B 793 -10.02 14.54 46.40
CA GLU B 793 -10.53 13.19 46.27
C GLU B 793 -12.02 13.20 45.92
N GLY B 794 -12.76 14.19 46.42
CA GLY B 794 -14.09 14.43 45.92
C GLY B 794 -14.05 15.06 44.54
N LYS B 795 -15.21 15.06 43.89
CA LYS B 795 -15.46 15.59 42.55
C LYS B 795 -14.78 14.78 41.46
N VAL B 796 -13.96 13.79 41.81
CA VAL B 796 -13.46 12.82 40.85
C VAL B 796 -14.43 11.66 40.69
N ILE B 797 -14.90 11.14 41.82
CA ILE B 797 -15.94 10.12 41.80
C ILE B 797 -17.18 10.64 41.08
N PHE B 798 -17.46 11.94 41.21
CA PHE B 798 -18.62 12.52 40.54
C PHE B 798 -18.52 12.38 39.03
N SER B 799 -17.46 12.93 38.45
CA SER B 799 -17.27 12.85 37.00
C SER B 799 -17.20 11.41 36.53
N LEU B 800 -16.45 10.58 37.26
CA LEU B 800 -16.28 9.19 36.83
C LEU B 800 -17.63 8.47 36.82
N SER B 801 -18.41 8.60 37.89
CA SER B 801 -19.71 7.96 37.92
C SER B 801 -20.66 8.56 36.89
N ARG B 802 -20.46 9.82 36.50
CA ARG B 802 -21.40 10.45 35.59
C ARG B 802 -21.15 10.11 34.13
N VAL B 803 -19.90 9.86 33.73
CA VAL B 803 -19.61 9.63 32.31
C VAL B 803 -18.91 8.30 32.05
N GLY B 804 -18.67 7.47 33.07
CA GLY B 804 -18.05 6.18 32.82
C GLY B 804 -18.90 5.29 31.96
N SER B 805 -20.22 5.33 32.14
CA SER B 805 -21.11 4.52 31.32
C SER B 805 -20.98 4.89 29.85
N ALA B 806 -21.01 6.19 29.55
CA ALA B 806 -20.91 6.63 28.17
C ALA B 806 -19.57 6.25 27.56
N MET B 807 -18.47 6.48 28.30
CA MET B 807 -17.16 6.14 27.76
C MET B 807 -17.03 4.64 27.51
N ALA B 808 -17.47 3.83 28.47
CA ALA B 808 -17.38 2.38 28.31
C ALA B 808 -18.23 1.91 27.16
N MET B 809 -19.42 2.50 26.98
CA MET B 809 -20.28 2.07 25.88
C MET B 809 -19.67 2.42 24.53
N ALA B 810 -19.11 3.62 24.39
CA ALA B 810 -18.45 3.98 23.14
C ALA B 810 -17.27 3.06 22.86
N ALA B 811 -16.43 2.82 23.88
CA ALA B 811 -15.29 1.94 23.70
C ALA B 811 -15.74 0.55 23.26
N LEU B 812 -16.74 -0.02 23.93
CA LEU B 812 -17.19 -1.37 23.61
C LEU B 812 -17.80 -1.43 22.22
N THR B 813 -18.56 -0.40 21.82
CA THR B 813 -19.20 -0.47 20.52
C THR B 813 -18.17 -0.35 19.39
N THR B 814 -17.16 0.51 19.55
CA THR B 814 -16.13 0.57 18.52
C THR B 814 -15.28 -0.70 18.50
N PHE B 815 -14.98 -1.24 19.68
CA PHE B 815 -14.26 -2.51 19.76
C PHE B 815 -15.00 -3.61 19.01
N VAL B 816 -16.30 -3.78 19.29
CA VAL B 816 -17.03 -4.87 18.65
C VAL B 816 -17.33 -4.58 17.19
N ALA B 817 -17.35 -3.31 16.78
CA ALA B 817 -17.51 -2.99 15.37
C ALA B 817 -16.23 -3.19 14.58
N GLY B 818 -15.09 -3.19 15.25
CA GLY B 818 -13.84 -3.48 14.57
C GLY B 818 -13.42 -4.94 14.68
N ALA B 819 -14.00 -5.66 15.64
CA ALA B 819 -13.64 -7.05 15.86
C ALA B 819 -14.36 -8.02 14.92
N MET B 820 -15.25 -7.53 14.05
CA MET B 820 -15.92 -8.37 13.06
C MET B 820 -15.24 -8.29 11.71
N MET B 821 -13.99 -7.85 11.65
CA MET B 821 -13.21 -7.83 10.43
C MET B 821 -12.04 -8.80 10.45
N MET B 822 -11.73 -9.39 11.61
CA MET B 822 -10.57 -10.27 11.70
C MET B 822 -10.63 -11.42 10.69
N PRO B 823 -11.69 -12.21 10.59
CA PRO B 823 -11.75 -13.22 9.52
C PRO B 823 -12.20 -12.59 8.21
N SER B 824 -11.27 -12.45 7.27
CA SER B 824 -11.57 -11.92 5.96
C SER B 824 -10.46 -12.34 5.01
N THR B 825 -10.47 -11.81 3.79
CA THR B 825 -9.47 -12.13 2.80
C THR B 825 -8.65 -10.92 2.37
N VAL B 826 -9.31 -9.82 1.98
CA VAL B 826 -8.57 -8.60 1.66
C VAL B 826 -7.92 -8.07 2.92
N LEU B 827 -6.72 -7.50 2.77
CA LEU B 827 -5.88 -7.22 3.93
C LEU B 827 -6.32 -5.96 4.67
N ALA B 828 -6.74 -4.92 3.93
CA ALA B 828 -7.07 -3.64 4.55
C ALA B 828 -8.06 -3.81 5.68
N TYR B 829 -9.07 -4.68 5.51
CA TYR B 829 -10.04 -4.89 6.58
C TYR B 829 -9.38 -5.43 7.83
N THR B 830 -8.47 -6.40 7.68
CA THR B 830 -7.81 -6.97 8.84
C THR B 830 -6.94 -5.94 9.54
N GLN B 831 -6.14 -5.20 8.77
CA GLN B 831 -5.32 -4.14 9.34
C GLN B 831 -6.17 -3.17 10.14
N LEU B 832 -7.26 -2.69 9.52
CA LEU B 832 -8.09 -1.68 10.16
C LEU B 832 -8.76 -2.23 11.42
N GLY B 833 -9.27 -3.47 11.37
CA GLY B 833 -9.88 -4.04 12.55
C GLY B 833 -8.92 -4.17 13.70
N THR B 834 -7.73 -4.72 13.44
CA THR B 834 -6.76 -4.87 14.50
C THR B 834 -6.36 -3.52 15.09
N PHE B 835 -6.13 -2.53 14.23
CA PHE B 835 -5.77 -1.21 14.74
C PHE B 835 -6.90 -0.62 15.57
N MET B 836 -8.15 -0.80 15.14
CA MET B 836 -9.28 -0.23 15.87
C MET B 836 -9.37 -0.83 17.27
N MET B 837 -9.36 -2.16 17.36
CA MET B 837 -9.40 -2.81 18.66
C MET B 837 -8.27 -2.31 19.55
N LEU B 838 -7.04 -2.31 19.01
CA LEU B 838 -5.88 -2.03 19.82
C LEU B 838 -5.81 -0.56 20.23
N ILE B 839 -6.43 0.33 19.46
CA ILE B 839 -6.41 1.74 19.84
C ILE B 839 -7.48 2.04 20.86
N MET B 840 -8.68 1.45 20.71
CA MET B 840 -9.75 1.78 21.64
C MET B 840 -9.49 1.17 23.01
N CYS B 841 -9.13 -0.12 23.05
CA CYS B 841 -8.92 -0.75 24.35
C CYS B 841 -7.75 -0.12 25.12
N ILE B 842 -6.83 0.53 24.41
CA ILE B 842 -5.72 1.20 25.07
C ILE B 842 -6.09 2.61 25.50
N SER B 843 -6.73 3.36 24.60
CA SER B 843 -7.05 4.75 24.91
C SER B 843 -8.05 4.84 26.04
N TRP B 844 -9.03 3.94 26.10
CA TRP B 844 -9.98 3.98 27.20
C TRP B 844 -9.28 3.71 28.53
N ALA B 845 -8.46 2.65 28.57
CA ALA B 845 -7.78 2.29 29.81
C ALA B 845 -6.90 3.41 30.31
N PHE B 846 -6.09 4.00 29.43
CA PHE B 846 -5.27 5.13 29.85
C PHE B 846 -6.14 6.30 30.32
N ALA B 847 -6.98 6.83 29.42
CA ALA B 847 -7.76 8.02 29.75
C ALA B 847 -8.61 7.84 31.00
N THR B 848 -8.92 6.61 31.40
CA THR B 848 -9.59 6.44 32.69
C THR B 848 -8.58 6.40 33.83
N PHE B 849 -7.72 5.38 33.84
CA PHE B 849 -6.87 5.15 35.00
C PHE B 849 -5.79 6.20 35.13
N PHE B 850 -4.94 6.32 34.11
CA PHE B 850 -3.78 7.20 34.19
C PHE B 850 -4.18 8.66 34.25
N PHE B 851 -5.45 8.98 34.04
CA PHE B 851 -5.95 10.35 34.17
C PHE B 851 -6.58 10.61 35.53
N GLN B 852 -7.54 9.77 35.95
CA GLN B 852 -8.14 9.97 37.26
C GLN B 852 -7.11 9.85 38.38
N CYS B 853 -6.21 8.87 38.28
CA CYS B 853 -5.14 8.78 39.26
C CYS B 853 -4.14 9.92 39.16
N MET B 854 -4.31 10.84 38.21
CA MET B 854 -3.45 12.01 38.08
C MET B 854 -4.17 13.31 38.37
N CYS B 855 -5.46 13.41 38.01
CA CYS B 855 -6.21 14.64 38.19
C CYS B 855 -6.60 14.92 39.64
N ARG B 856 -6.17 14.09 40.58
CA ARG B 856 -6.47 14.32 42.00
C ARG B 856 -5.35 15.07 42.71
N CYS B 857 -4.27 15.42 42.02
CA CYS B 857 -3.24 16.27 42.59
C CYS B 857 -3.61 17.75 42.55
N LEU B 858 -4.49 18.12 41.61
CA LEU B 858 -4.82 19.53 41.40
C LEU B 858 -5.39 20.16 42.66
N GLY B 859 -5.14 21.46 42.83
CA GLY B 859 -5.65 22.21 43.95
C GLY B 859 -6.96 22.90 43.62
N PRO B 860 -7.86 22.97 44.60
CA PRO B 860 -9.22 23.49 44.32
C PRO B 860 -9.24 24.89 43.74
N GLN B 861 -8.29 25.76 44.10
CA GLN B 861 -8.24 27.08 43.50
C GLN B 861 -7.60 27.03 42.11
N GLY B 862 -6.59 26.19 41.93
CA GLY B 862 -5.94 25.91 40.67
C GLY B 862 -5.54 27.16 39.91
N THR B 863 -5.59 27.06 38.59
CA THR B 863 -5.22 28.14 37.70
C THR B 863 -6.41 28.82 37.03
N CYS B 864 -7.41 28.05 36.60
CA CYS B 864 -8.60 28.57 35.93
C CYS B 864 -8.26 29.35 34.66
N GLY B 865 -7.10 29.06 34.06
CA GLY B 865 -6.71 29.68 32.82
C GLY B 865 -6.57 31.19 32.92
N GLN B 866 -6.40 31.85 31.77
CA GLN B 866 -6.35 33.30 31.76
C GLN B 866 -7.72 33.88 32.10
N ILE B 867 -7.77 35.20 32.18
CA ILE B 867 -9.01 35.91 32.48
C ILE B 867 -9.62 36.44 31.18
N PRO B 868 -10.69 35.82 30.67
CA PRO B 868 -11.35 36.30 29.44
C PRO B 868 -12.10 37.61 29.66
CAA Y01 C . -4.45 -3.16 31.86
CBA Y01 C . -4.45 -3.44 30.37
CAB Y01 C . -5.78 -3.00 29.74
CAN Y01 C . -3.27 -2.79 29.66
CAJ Y01 C . -3.24 -2.95 28.16
CAO Y01 C . -3.03 -4.39 27.73
CBB Y01 C . -3.39 -4.69 26.26
CAC Y01 C . -4.53 -3.81 25.78
CBE Y01 C . -2.15 -4.67 25.33
CAP Y01 C . -1.03 -3.71 25.79
CAQ Y01 C . 0.30 -4.33 25.32
CBG Y01 C . -0.15 -5.39 24.32
CBI Y01 C . -1.41 -5.98 24.96
CAE Y01 C . -1.08 -6.81 26.23
CAU Y01 C . -2.07 -6.87 23.90
CAS Y01 C . -1.11 -7.97 23.41
CBF Y01 C . 0.23 -7.42 22.88
CBD Y01 C . 0.87 -6.43 23.86
CAK Y01 C . 2.07 -5.76 23.21
CAI Y01 C . 2.94 -6.75 22.51
CAZ Y01 C . 2.60 -8.01 22.27
CAV Y01 C . 3.61 -8.99 21.70
CBH Y01 C . 1.21 -8.56 22.49
CAD Y01 C . 1.30 -9.63 23.60
CAT Y01 C . 0.75 -9.23 21.18
CAR Y01 C . 1.78 -10.22 20.61
CBC Y01 C . 3.12 -9.57 20.40
OAW Y01 C . 4.13 -10.55 20.00
CAY Y01 C . 4.14 -10.99 18.74
OAG Y01 C . 3.22 -10.91 17.98
CAM Y01 C . 5.50 -11.53 18.38
CAL Y01 C . 6.52 -11.37 19.49
CAX Y01 C . 7.96 -11.65 19.10
OAH Y01 C . 8.23 -12.77 18.63
OAF Y01 C . 8.80 -10.75 19.27
CAA Y01 D . -12.71 -3.95 26.03
CBA Y01 D . -12.71 -4.88 27.24
CAB Y01 D . -13.79 -5.94 27.09
CAN Y01 D . -11.34 -5.52 27.46
CAJ Y01 D . -10.87 -6.46 26.38
CAO Y01 D . -9.54 -7.10 26.70
CBB Y01 D . -9.06 -8.19 25.73
CAC Y01 D . -10.19 -9.18 25.44
CBE Y01 D . -8.44 -7.57 24.46
CAP Y01 D . -7.60 -6.30 24.78
CAQ Y01 D . -6.59 -6.15 23.61
CBG Y01 D . -6.93 -7.28 22.66
CBI Y01 D . -7.46 -8.40 23.59
CAE Y01 D . -6.35 -9.00 24.47
CAU Y01 D . -8.07 -9.48 22.68
CAS Y01 D . -7.00 -10.03 21.71
CBF Y01 D . -6.37 -8.94 20.84
CBD Y01 D . -5.87 -7.74 21.66
CAK Y01 D . -5.50 -6.60 20.72
CAI Y01 D . -4.78 -7.07 19.50
CAZ Y01 D . -4.57 -8.34 19.18
CAV Y01 D . -3.67 -8.73 18.02
CBH Y01 D . -5.22 -9.50 19.94
CAD Y01 D . -4.13 -10.21 20.76
CAT Y01 D . -5.83 -10.48 18.91
CAR Y01 D . -4.85 -10.87 17.80
CBC Y01 D . -4.39 -9.65 17.05
OAW Y01 D . -3.44 -10.00 16.01
CAY Y01 D . -3.87 -10.68 14.93
OAG Y01 D . -4.88 -11.31 14.90
CAM Y01 D . -2.96 -10.48 13.75
CAL Y01 D . -3.67 -10.00 12.50
CAX Y01 D . -2.77 -9.68 11.33
OAH Y01 D . -1.96 -8.74 11.44
OAF Y01 D . -2.86 -10.38 10.30
CAA Y01 E . 5.38 8.99 16.96
CBA Y01 E . 4.72 8.53 15.68
CAB Y01 E . 4.71 9.64 14.64
CAN Y01 E . 5.36 7.24 15.14
CAJ Y01 E . 6.86 7.29 14.95
CAO Y01 E . 7.29 7.67 13.55
CBB Y01 E . 7.48 6.51 12.57
CAC Y01 E . 6.15 5.99 12.04
CBE Y01 E . 8.46 6.91 11.44
CAP Y01 E . 8.39 8.41 11.07
CAQ Y01 E . 9.82 8.81 10.65
CBG Y01 E . 10.50 7.48 10.40
CBI Y01 E . 9.98 6.59 11.55
CAE Y01 E . 10.55 7.03 12.90
CAU Y01 E . 10.42 5.15 11.23
CAS Y01 E . 11.93 5.05 11.06
CBF Y01 E . 12.48 6.00 9.97
CBD Y01 E . 12.02 7.44 10.22
CAK Y01 E . 12.45 8.33 9.05
CAI Y01 E . 13.87 8.08 8.64
CAZ Y01 E . 14.59 7.04 9.03
CAV Y01 E . 16.05 6.93 8.67
CBH Y01 E . 14.02 5.88 9.83
CAD Y01 E . 14.73 5.86 11.20
CAT Y01 E . 14.36 4.59 9.05
CAR Y01 E . 15.84 4.46 8.70
CBC Y01 E . 16.34 5.65 7.92
OAW Y01 E . 17.79 5.52 7.80
CAY Y01 E . 18.26 4.62 6.94
OAG Y01 E . 17.85 4.50 5.82
CAM Y01 E . 19.28 3.72 7.57
CAL Y01 E . 20.47 4.38 8.25
CAX Y01 E . 21.45 3.41 8.86
OAH Y01 E . 21.24 2.19 8.72
OAF Y01 E . 22.43 3.87 9.48
CAA Y01 F . -16.39 -2.18 3.04
CBA Y01 F . -17.44 -1.43 2.23
CAB Y01 F . -17.71 -0.07 2.85
CAN Y01 F . -18.72 -2.25 2.12
CAJ Y01 F . -19.89 -1.55 1.48
CAO Y01 F . -19.66 -1.17 0.03
CBB Y01 F . -19.47 -2.35 -0.94
CAC Y01 F . -20.53 -3.42 -0.67
CBE Y01 F . -19.49 -1.85 -2.39
CAP Y01 F . -18.71 -0.52 -2.57
CAQ Y01 F . -18.34 -0.44 -4.07
CBG Y01 F . -18.96 -1.69 -4.68
CBI Y01 F . -18.93 -2.72 -3.53
CAE Y01 F . -17.49 -3.17 -3.20
CAU Y01 F . -19.77 -3.91 -3.99
CAS Y01 F . -19.24 -4.50 -5.30
CBF Y01 F . -19.19 -3.47 -6.44
CBD Y01 F . -18.45 -2.19 -6.02
CAK Y01 F . -18.62 -1.13 -7.10
CAI Y01 F . -18.49 -1.68 -8.49
CAZ Y01 F . -18.39 -2.97 -8.78
CAV Y01 F . -18.06 -3.43 -10.18
CBH Y01 F . -18.62 -4.07 -7.75
CAD Y01 F . -17.27 -4.77 -7.51
CAT Y01 F . -19.64 -5.06 -8.35
CAR Y01 F . -19.24 -5.55 -9.75
CBC Y01 F . -19.09 -4.41 -10.70
OAW Y01 F . -18.60 -4.92 -11.97
CAY Y01 F . -19.41 -5.68 -12.71
OAG Y01 F . -20.58 -5.80 -12.51
CAM Y01 F . -18.66 -6.40 -13.81
CAL Y01 F . -18.07 -5.60 -14.95
CAX Y01 F . -16.90 -4.69 -14.59
OAH Y01 F . -17.12 -3.71 -13.86
OAF Y01 F . -15.77 -4.98 -15.04
CAA Y01 G . -42.42 8.10 4.83
CBA Y01 G . -40.91 8.12 4.63
CAB Y01 G . -40.55 8.94 3.40
CAN Y01 G . -40.19 8.65 5.87
CAJ Y01 G . -40.44 7.87 7.14
CAO Y01 G . -39.70 8.42 8.34
CBB Y01 G . -40.51 9.28 9.32
CAC Y01 G . -41.05 10.53 8.63
CBE Y01 G . -41.60 8.42 9.99
CAP Y01 G . -41.05 7.08 10.52
CAQ Y01 G . -41.97 6.64 11.68
CBG Y01 G . -43.12 7.67 11.64
CBI Y01 G . -42.42 8.97 11.21
CAE Y01 G . -41.46 9.50 12.28
CAU Y01 G . -43.53 9.98 10.90
CAS Y01 G . -44.44 10.19 12.11
CBF Y01 G . -45.09 8.88 12.59
CBD Y01 G . -44.03 7.78 12.84
CAK Y01 G . -44.72 6.45 13.12
CAI Y01 G . -45.92 6.58 14.00
CAZ Y01 G . -46.48 7.73 14.35
CAV Y01 G . -47.64 7.76 15.33
CBH Y01 G . -46.04 9.09 13.81
CAD Y01 G . -45.36 9.86 14.94
CAT Y01 G . -47.30 9.85 13.32
CAR Y01 G . -48.43 9.87 14.35
CBC Y01 G . -48.83 8.48 14.75
OAW Y01 G . -49.87 8.53 15.77
CAY Y01 G . -50.50 7.40 16.10
OAG Y01 G . -50.38 6.38 15.51
CAM Y01 G . -51.39 7.59 17.29
CAL Y01 G . -52.17 6.38 17.74
CAX Y01 G . -53.04 6.58 18.97
OAH Y01 G . -52.49 6.92 20.03
OAF Y01 G . -54.27 6.40 18.85
CAA Y01 H . -10.19 22.27 9.43
CBA Y01 H . -11.15 22.28 8.25
CAB Y01 H . -12.51 22.78 8.68
CAN Y01 H . -10.59 23.10 7.09
CAJ Y01 H . -11.42 23.10 5.83
CAO Y01 H . -11.62 21.70 5.26
CBB Y01 H . -12.23 21.63 3.85
CAC Y01 H . -13.51 22.47 3.79
CBE Y01 H . -11.19 22.04 2.79
CAP Y01 H . -9.76 21.53 3.15
CAQ Y01 H . -8.99 21.44 1.82
CBG Y01 H . -9.96 21.96 0.77
CBI Y01 H . -11.35 21.56 1.31
CAE Y01 H . -11.57 20.03 1.28
CAU Y01 H . -12.38 22.29 0.45
CAS Y01 H . -12.24 21.90 -1.02
CBF Y01 H . -10.84 22.17 -1.60
CBD Y01 H . -9.73 21.59 -0.69
CAK Y01 H . -8.37 22.12 -1.17
CAI Y01 H . -8.24 22.05 -2.66
CAZ Y01 H . -9.22 21.73 -3.48
CAV Y01 H . -8.96 21.45 -4.95
CBH Y01 H . -10.68 21.67 -3.06
CAD Y01 H . -11.16 20.21 -3.21
CAT Y01 H . -11.49 22.57 -4.02
CAR Y01 H . -11.24 22.24 -5.49
CBC Y01 H . -9.78 22.34 -5.85
OAW Y01 H . -9.57 21.84 -7.21
CAY Y01 H . -10.04 22.54 -8.24
OAG Y01 H . -10.53 23.63 -8.14
CAM Y01 H . -9.89 21.79 -9.54
CAL Y01 H . -11.14 21.47 -10.32
CAX Y01 H . -11.84 22.68 -10.92
OAH Y01 H . -13.00 22.95 -10.52
OAF Y01 H . -11.25 23.34 -11.79
CAA Y01 I . 5.58 14.62 18.05
CBA Y01 I . 5.25 13.62 19.15
CAB Y01 I . 3.78 13.74 19.57
CAN Y01 I . 5.62 12.18 18.78
CAJ Y01 I . 7.04 11.76 19.06
CAO Y01 I . 8.05 12.26 18.05
CBB Y01 I . 9.52 12.23 18.50
CAC Y01 I . 9.61 12.39 20.01
CBE Y01 I . 10.27 11.00 17.96
CAP Y01 I . 9.36 9.81 17.54
CAQ Y01 I . 10.18 8.98 16.53
CBG Y01 I . 11.57 9.62 16.60
CBI Y01 I . 11.26 11.12 16.77
CAE Y01 I . 10.55 11.72 15.54
CAU Y01 I . 12.58 11.84 17.05
CAS Y01 I . 13.63 11.55 15.97
CBF Y01 I . 13.90 10.05 15.80
CBD Y01 I . 12.61 9.26 15.54
CAK Y01 I . 12.89 7.77 15.56
CAI Y01 I . 14.17 7.39 14.89
CAZ Y01 I . 15.10 8.26 14.49
CAV Y01 I . 16.33 7.77 13.77
CBH Y01 I . 15.02 9.75 14.76
CAD Y01 I . 14.77 10.46 13.42
CAT Y01 I . 16.38 10.21 15.36
CAR Y01 I . 17.60 9.71 14.59
CBC Y01 I . 17.59 8.21 14.49
OAW Y01 I . 18.75 7.77 13.70
CAY Y01 I . 19.11 6.49 13.74
OAG Y01 I . 19.67 5.93 12.83
CAM Y01 I . 18.81 5.83 15.07
CAL Y01 I . 19.00 4.33 15.15
CAX Y01 I . 20.39 3.83 14.84
OAH Y01 I . 21.33 4.25 15.54
OAF Y01 I . 20.52 3.01 13.91
CAA Y01 J . 5.17 13.16 28.11
CBA Y01 J . 6.41 12.29 28.09
CAB Y01 J . 6.35 11.25 29.20
CAN Y01 J . 6.61 11.63 26.72
CAJ Y01 J . 7.88 10.83 26.55
CAO Y01 J . 9.11 11.62 26.89
CBB Y01 J . 10.45 10.93 26.58
CAC Y01 J . 10.46 9.51 27.12
CBE Y01 J . 10.76 11.01 25.07
CAP Y01 J . 10.35 12.38 24.46
CAQ Y01 J . 11.40 12.75 23.39
CBG Y01 J . 12.13 11.42 23.17
CBI Y01 J . 12.23 10.82 24.58
CAE Y01 J . 13.19 11.62 25.47
CAU Y01 J . 12.72 9.38 24.40
CAS Y01 J . 14.06 9.34 23.66
CBF Y01 J . 14.01 10.03 22.29
CBD Y01 J . 13.43 11.45 22.38
CAK Y01 J . 13.20 12.00 20.98
CAI Y01 J . 14.34 11.71 20.05
CAZ Y01 J . 15.34 10.88 20.31
CAV Y01 J . 16.51 10.73 19.36
CBH Y01 J . 15.39 9.99 21.56
CAD Y01 J . 16.52 10.50 22.46
CAT Y01 J . 15.68 8.54 21.11
CAR Y01 J . 16.88 8.42 20.16
CBC Y01 J . 16.71 9.29 18.95
OAW Y01 J . 17.89 9.19 18.10
CAY Y01 J . 19.11 9.38 18.60
OAG Y01 J . 19.36 10.06 19.56
CAM Y01 J . 20.15 8.60 17.85
CAL Y01 J . 20.95 7.62 18.68
CAX Y01 J . 21.81 6.66 17.90
OAH Y01 J . 21.64 5.44 18.06
OAF Y01 J . 22.66 7.14 17.10
C1 NAG K . 41.13 13.12 -14.86
C2 NAG K . 41.90 14.45 -14.78
C3 NAG K . 43.40 14.20 -14.59
C4 NAG K . 43.61 13.11 -13.55
C5 NAG K . 43.15 11.79 -14.14
C6 NAG K . 42.68 10.80 -13.10
C7 NAG K . 40.82 16.31 -15.96
C8 NAG K . 40.70 17.04 -17.26
N2 NAG K . 41.66 15.27 -15.95
O3 NAG K . 44.02 15.41 -14.17
O4 NAG K . 45.00 13.04 -13.22
O5 NAG K . 42.07 11.98 -15.07
O6 NAG K . 41.90 11.43 -12.10
O7 NAG K . 40.17 16.62 -14.97
C1 NAG L . -9.28 -31.84 2.29
C2 NAG L . -8.93 -32.88 3.33
C3 NAG L . -8.79 -34.25 2.68
C4 NAG L . -10.02 -34.58 1.85
C5 NAG L . -10.33 -33.44 0.87
C6 NAG L . -11.62 -33.65 0.11
C7 NAG L . -7.72 -31.97 5.26
C8 NAG L . -6.38 -31.67 5.85
N2 NAG L . -7.72 -32.53 4.05
O3 NAG L . -8.60 -35.25 3.69
O4 NAG L . -9.80 -35.77 1.10
O5 NAG L . -10.48 -32.21 1.60
O6 NAG L . -11.72 -32.76 -0.98
O7 NAG L . -8.77 -31.72 5.86
C1 NAG M . 14.45 -47.56 -23.75
C2 NAG M . 13.67 -48.76 -24.31
C3 NAG M . 14.51 -50.03 -24.22
C4 NAG M . 15.86 -49.83 -24.88
C5 NAG M . 16.56 -48.60 -24.29
C6 NAG M . 17.86 -48.28 -24.99
C7 NAG M . 11.32 -49.47 -24.17
C8 NAG M . 10.11 -49.57 -23.30
N2 NAG M . 12.40 -48.92 -23.60
O3 NAG M . 13.81 -51.10 -24.86
O4 NAG M . 16.68 -50.98 -24.67
O5 NAG M . 15.71 -47.45 -24.44
O6 NAG M . 17.71 -47.17 -25.87
O7 NAG M . 11.33 -49.86 -25.33
C1 NAG N . 8.84 23.87 -40.01
C2 NAG N . 8.10 23.45 -41.27
C3 NAG N . 7.27 24.62 -41.80
C4 NAG N . 6.38 25.19 -40.69
C5 NAG N . 7.20 25.51 -39.45
C6 NAG N . 6.38 25.96 -38.27
C7 NAG N . 9.09 21.68 -42.65
C8 NAG N . 10.08 21.35 -43.71
N2 NAG N . 9.02 22.97 -42.30
O3 NAG N . 6.46 24.16 -42.88
O4 NAG N . 5.72 26.36 -41.16
O5 NAG N . 7.92 24.33 -39.03
O6 NAG N . 5.90 27.28 -38.44
O7 NAG N . 8.38 20.83 -42.12
#